data_8ZVJ
#
_entry.id   8ZVJ
#
_cell.length_a   93.733
_cell.length_b   93.733
_cell.length_c   364.159
_cell.angle_alpha   90.000
_cell.angle_beta   90.000
_cell.angle_gamma   90.000
#
_symmetry.space_group_name_H-M   'P 41 2 2'
#
loop_
_entity.id
_entity.type
_entity.pdbx_description
1 polymer Elongin-B
2 polymer Elongin-C
3 polymer 'von Hippel-Lindau disease tumor suppressor'
4 non-polymer 'ethyl 7-oxidanyl-2-oxidanylidene-chromene-4-carboxylate'
5 water water
#
loop_
_entity_poly.entity_id
_entity_poly.type
_entity_poly.pdbx_seq_one_letter_code
_entity_poly.pdbx_strand_id
1 'polypeptide(L)'
;MDVFLMIRRHKTTIFTDAKESSTVFELKRIVEGILKRPPDEQRLYKDDQLLDDGKTLGE(CAS)GFTSQTARPQAPATVG
LAFRADDTFEAL(CAS)IEPFSSPPELPDVMK
;
A,D,G,J
2 'polypeptide(L)'
;MMYVKLISSDGHEFIVKREHALTSGTIKAMLSGPGQFAENETNEVNFREIPSHVLSKVCMYFTYKVRYTNSSTEIPEFPI
APEIALELLMAANFLDC
;
B,E,H,K
3 'polypeptide(L)'
;GSMEAGRPRPVLRSVNSREPSQVIF(CAS)NRSPRVVLPVWLNFDGEPQPYPTLPPGTGRRIHSYRGHLWLFRDAGTHDG
LLVNQTELFVPSLNVDGQPIFANITLPVYTLKERCLQVVRSLVKPENYRRLDIVRSLYEDLEDHPNVQKDLERLTQERIA
HQRMGD
;
C,F,I,L
#
# COMPACT_ATOMS: atom_id res chain seq x y z
N MET A 1 -21.41 -27.26 -25.76
CA MET A 1 -21.29 -26.07 -24.93
C MET A 1 -22.20 -24.94 -25.44
N ASP A 2 -22.91 -24.30 -24.52
CA ASP A 2 -23.90 -23.29 -24.87
C ASP A 2 -23.26 -21.93 -25.05
N VAL A 3 -23.67 -21.23 -26.11
CA VAL A 3 -23.34 -19.82 -26.31
C VAL A 3 -24.65 -19.05 -26.33
N PHE A 4 -24.65 -17.86 -25.71
CA PHE A 4 -25.85 -17.07 -25.53
C PHE A 4 -25.77 -15.83 -26.40
N LEU A 5 -26.79 -15.61 -27.23
CA LEU A 5 -26.69 -14.65 -28.32
C LEU A 5 -27.86 -13.67 -28.31
N MET A 6 -27.62 -12.53 -28.95
CA MET A 6 -28.64 -11.54 -29.29
C MET A 6 -28.63 -11.43 -30.81
N ILE A 7 -29.63 -12.02 -31.46
CA ILE A 7 -29.79 -11.86 -32.90
C ILE A 7 -30.60 -10.58 -33.14
N ARG A 8 -29.99 -9.62 -33.82
CA ARG A 8 -30.52 -8.26 -33.89
C ARG A 8 -30.65 -7.81 -35.34
N ARG A 9 -31.81 -7.24 -35.67
CA ARG A 9 -32.02 -6.60 -36.97
C ARG A 9 -33.00 -5.46 -36.77
N HIS A 10 -32.68 -4.29 -37.34
CA HIS A 10 -33.51 -3.11 -37.21
C HIS A 10 -33.82 -2.80 -35.75
N LYS A 11 -35.09 -2.90 -35.36
CA LYS A 11 -35.50 -2.76 -33.98
C LYS A 11 -35.97 -4.09 -33.39
N THR A 12 -35.52 -5.20 -33.96
CA THR A 12 -35.80 -6.53 -33.43
C THR A 12 -34.55 -7.07 -32.73
N THR A 13 -34.75 -7.78 -31.63
CA THR A 13 -33.66 -8.36 -30.86
C THR A 13 -34.14 -9.69 -30.29
N ILE A 14 -33.60 -10.79 -30.79
CA ILE A 14 -33.94 -12.13 -30.33
C ILE A 14 -32.90 -12.58 -29.31
N PHE A 15 -33.38 -13.00 -28.14
CA PHE A 15 -32.52 -13.61 -27.13
C PHE A 15 -32.66 -15.12 -27.22
N THR A 16 -31.57 -15.80 -27.54
CA THR A 16 -31.59 -17.25 -27.62
C THR A 16 -30.18 -17.77 -27.36
N ASP A 17 -30.08 -19.10 -27.26
CA ASP A 17 -28.80 -19.77 -27.10
C ASP A 17 -28.66 -20.85 -28.16
N ALA A 18 -27.44 -21.34 -28.33
CA ALA A 18 -27.15 -22.41 -29.27
C ALA A 18 -25.86 -23.09 -28.84
N LYS A 19 -25.58 -24.23 -29.44
CA LYS A 19 -24.34 -24.94 -29.17
C LYS A 19 -23.17 -24.28 -29.89
N GLU A 20 -22.00 -24.33 -29.26
CA GLU A 20 -20.80 -23.84 -29.94
C GLU A 20 -20.52 -24.63 -31.21
N SER A 21 -20.92 -25.90 -31.25
CA SER A 21 -20.71 -26.74 -32.42
C SER A 21 -21.80 -26.58 -33.47
N SER A 22 -22.85 -25.81 -33.20
CA SER A 22 -23.92 -25.62 -34.17
C SER A 22 -23.50 -24.65 -35.25
N THR A 23 -24.10 -24.80 -36.43
CA THR A 23 -23.67 -24.07 -37.61
C THR A 23 -24.49 -22.79 -37.81
N VAL A 24 -23.95 -21.90 -38.64
CA VAL A 24 -24.62 -20.64 -38.96
C VAL A 24 -25.98 -20.92 -39.60
N PHE A 25 -26.03 -21.87 -40.53
CA PHE A 25 -27.30 -22.21 -41.16
C PHE A 25 -28.32 -22.70 -40.14
N GLU A 26 -27.88 -23.50 -39.16
CA GLU A 26 -28.79 -23.96 -38.13
C GLU A 26 -29.31 -22.82 -37.28
N LEU A 27 -28.52 -21.76 -37.12
CA LEU A 27 -29.03 -20.55 -36.46
C LEU A 27 -30.10 -19.88 -37.31
N LYS A 28 -29.92 -19.87 -38.62
CA LYS A 28 -30.96 -19.33 -39.51
C LYS A 28 -32.25 -20.13 -39.41
N ARG A 29 -32.14 -21.44 -39.16
CA ARG A 29 -33.34 -22.24 -38.92
C ARG A 29 -34.04 -21.80 -37.64
N ILE A 30 -33.27 -21.41 -36.62
CA ILE A 30 -33.87 -20.89 -35.39
C ILE A 30 -34.58 -19.57 -35.68
N VAL A 31 -33.93 -18.67 -36.42
CA VAL A 31 -34.55 -17.41 -36.80
C VAL A 31 -35.81 -17.67 -37.62
N GLU A 32 -35.78 -18.69 -38.47
CA GLU A 32 -36.93 -18.99 -39.32
C GLU A 32 -38.16 -19.33 -38.48
N GLY A 33 -37.98 -20.09 -37.41
CA GLY A 33 -39.11 -20.44 -36.56
C GLY A 33 -39.71 -19.28 -35.80
N ILE A 34 -38.96 -18.20 -35.64
CA ILE A 34 -39.40 -17.05 -34.85
C ILE A 34 -39.94 -15.93 -35.73
N LEU A 35 -39.16 -15.50 -36.72
CA LEU A 35 -39.53 -14.38 -37.57
C LEU A 35 -40.18 -14.81 -38.89
N LYS A 36 -40.31 -16.12 -39.12
CA LYS A 36 -40.98 -16.67 -40.30
C LYS A 36 -40.35 -16.15 -41.60
N ARG A 37 -39.05 -16.43 -41.75
CA ARG A 37 -38.32 -16.10 -42.96
C ARG A 37 -37.36 -17.25 -43.23
N PRO A 38 -37.29 -17.73 -44.47
CA PRO A 38 -36.42 -18.87 -44.78
C PRO A 38 -34.95 -18.48 -44.74
N PRO A 39 -34.05 -19.43 -44.52
CA PRO A 39 -32.62 -19.08 -44.43
C PRO A 39 -32.05 -18.45 -45.69
N ASP A 40 -32.58 -18.78 -46.86
CA ASP A 40 -32.06 -18.20 -48.10
C ASP A 40 -32.32 -16.70 -48.15
N GLU A 41 -33.34 -16.21 -47.45
CA GLU A 41 -33.62 -14.79 -47.34
C GLU A 41 -32.98 -14.17 -46.10
N GLN A 42 -32.03 -14.87 -45.48
CA GLN A 42 -31.39 -14.43 -44.26
C GLN A 42 -29.88 -14.27 -44.46
N ARG A 43 -29.31 -13.26 -43.83
CA ARG A 43 -27.87 -13.04 -43.83
C ARG A 43 -27.43 -12.76 -42.41
N LEU A 44 -26.48 -13.55 -41.91
CA LEU A 44 -25.99 -13.44 -40.54
C LEU A 44 -24.60 -12.80 -40.54
N TYR A 45 -24.35 -11.96 -39.54
CA TYR A 45 -23.12 -11.18 -39.46
C TYR A 45 -22.53 -11.27 -38.06
N LYS A 46 -21.20 -11.23 -37.99
CA LYS A 46 -20.48 -10.90 -36.77
C LYS A 46 -19.86 -9.53 -37.01
N ASP A 47 -20.32 -8.54 -36.25
CA ASP A 47 -20.01 -7.14 -36.53
C ASP A 47 -20.39 -6.84 -37.99
N ASP A 48 -19.39 -6.65 -38.85
CA ASP A 48 -19.63 -6.37 -40.26
C ASP A 48 -19.34 -7.55 -41.18
N GLN A 49 -18.79 -8.63 -40.67
CA GLN A 49 -18.35 -9.75 -41.50
C GLN A 49 -19.51 -10.70 -41.77
N LEU A 50 -19.69 -11.05 -43.05
CA LEU A 50 -20.72 -12.01 -43.42
C LEU A 50 -20.30 -13.42 -43.01
N LEU A 51 -21.23 -14.15 -42.39
CA LEU A 51 -20.95 -15.49 -41.89
C LEU A 51 -21.37 -16.54 -42.90
N ASP A 52 -20.57 -17.60 -43.02
CA ASP A 52 -20.83 -18.68 -43.96
C ASP A 52 -21.73 -19.74 -43.32
N ASP A 53 -22.67 -20.26 -44.12
CA ASP A 53 -23.69 -21.17 -43.61
C ASP A 53 -23.08 -22.41 -42.99
N GLY A 54 -21.98 -22.91 -43.55
CA GLY A 54 -21.39 -24.17 -43.11
C GLY A 54 -20.48 -24.10 -41.91
N LYS A 55 -20.11 -22.90 -41.47
CA LYS A 55 -19.18 -22.74 -40.36
C LYS A 55 -19.93 -22.74 -39.03
N THR A 56 -19.28 -23.29 -38.00
CA THR A 56 -19.90 -23.35 -36.69
C THR A 56 -19.77 -22.02 -35.97
N LEU A 57 -20.64 -21.81 -34.98
CA LEU A 57 -20.61 -20.57 -34.21
C LEU A 57 -19.27 -20.39 -33.51
N GLY A 58 -18.63 -21.48 -33.09
CA GLY A 58 -17.34 -21.38 -32.44
C GLY A 58 -16.24 -20.90 -33.37
N GLU A 59 -16.29 -21.35 -34.62
CA GLU A 59 -15.33 -20.90 -35.62
C GLU A 59 -15.57 -19.43 -35.96
N GLY A 61 -16.25 -17.19 -33.81
CA GLY A 61 -15.87 -16.37 -32.67
C GLY A 61 -16.90 -16.31 -31.56
N PHE A 62 -17.96 -17.12 -31.67
CA PHE A 62 -18.97 -17.19 -30.62
C PHE A 62 -18.60 -18.32 -29.67
N THR A 63 -17.79 -18.01 -28.67
CA THR A 63 -17.35 -18.98 -27.69
C THR A 63 -18.14 -18.81 -26.39
N SER A 64 -18.10 -19.86 -25.57
CA SER A 64 -18.89 -19.86 -24.34
C SER A 64 -18.52 -18.72 -23.41
N GLN A 65 -17.24 -18.40 -23.33
CA GLN A 65 -16.76 -17.37 -22.42
C GLN A 65 -16.75 -15.98 -23.05
N THR A 66 -17.26 -15.84 -24.28
CA THR A 66 -17.53 -14.53 -24.85
C THR A 66 -19.01 -14.28 -25.10
N ALA A 67 -19.81 -15.33 -25.19
CA ALA A 67 -21.26 -15.22 -25.34
C ALA A 67 -21.93 -15.69 -24.05
N ARG A 68 -21.80 -14.86 -23.01
CA ARG A 68 -22.25 -15.21 -21.68
C ARG A 68 -23.76 -14.98 -21.53
N PRO A 69 -24.39 -15.62 -20.54
CA PRO A 69 -25.83 -15.37 -20.32
C PRO A 69 -26.11 -13.92 -19.94
N GLN A 70 -25.33 -13.37 -19.02
CA GLN A 70 -25.48 -11.99 -18.58
C GLN A 70 -24.84 -10.99 -19.54
N ALA A 71 -24.23 -11.45 -20.63
CA ALA A 71 -23.59 -10.58 -21.60
C ALA A 71 -23.50 -11.30 -22.93
N PRO A 72 -24.62 -11.45 -23.63
CA PRO A 72 -24.65 -12.27 -24.84
C PRO A 72 -24.02 -11.55 -26.02
N ALA A 73 -23.48 -12.35 -26.93
CA ALA A 73 -22.89 -11.83 -28.14
C ALA A 73 -23.98 -11.44 -29.14
N THR A 74 -23.65 -10.51 -30.03
CA THR A 74 -24.60 -10.00 -31.01
C THR A 74 -24.34 -10.63 -32.36
N VAL A 75 -25.40 -11.13 -32.98
CA VAL A 75 -25.36 -11.64 -34.35
C VAL A 75 -26.22 -10.72 -35.21
N GLY A 76 -25.61 -10.11 -36.22
CA GLY A 76 -26.36 -9.23 -37.10
C GLY A 76 -27.22 -10.01 -38.07
N LEU A 77 -28.43 -9.51 -38.30
CA LEU A 77 -29.39 -10.14 -39.19
C LEU A 77 -29.77 -9.17 -40.30
N ALA A 78 -30.02 -9.72 -41.49
CA ALA A 78 -30.44 -8.93 -42.64
C ALA A 78 -31.34 -9.79 -43.52
N PHE A 79 -32.42 -9.18 -44.01
CA PHE A 79 -33.41 -9.88 -44.82
C PHE A 79 -33.26 -9.52 -46.30
N ARG A 80 -33.79 -10.39 -47.15
CA ARG A 80 -33.78 -10.16 -48.59
C ARG A 80 -35.16 -9.71 -49.08
N THR A 84 -33.43 -8.51 -53.82
CA THR A 84 -32.08 -8.31 -53.31
C THR A 84 -32.09 -8.18 -51.79
N PHE A 85 -30.90 -8.24 -51.18
CA PHE A 85 -30.75 -8.14 -49.74
C PHE A 85 -30.62 -6.69 -49.30
N GLU A 86 -31.22 -6.37 -48.16
CA GLU A 86 -31.01 -5.06 -47.56
C GLU A 86 -29.60 -4.98 -46.95
N ALA A 87 -29.21 -3.77 -46.58
CA ALA A 87 -27.95 -3.59 -45.87
C ALA A 87 -28.15 -3.89 -44.38
N LEU A 88 -27.07 -4.30 -43.73
CA LEU A 88 -27.14 -4.63 -42.31
C LEU A 88 -27.46 -3.38 -41.49
N ILE A 90 -28.83 -2.16 -37.65
CA ILE A 90 -29.18 -2.43 -36.26
C ILE A 90 -29.41 -1.11 -35.53
N GLU A 91 -30.66 -0.87 -35.13
CA GLU A 91 -30.97 0.34 -34.38
C GLU A 91 -30.35 0.27 -32.99
N PRO A 92 -29.57 1.26 -32.58
CA PRO A 92 -29.00 1.24 -31.24
C PRO A 92 -30.08 1.38 -30.17
N PHE A 93 -29.74 0.93 -28.97
CA PHE A 93 -30.64 1.09 -27.84
C PHE A 93 -30.69 2.56 -27.41
N SER A 94 -31.70 2.88 -26.60
CA SER A 94 -31.85 4.25 -26.13
C SER A 94 -30.67 4.65 -25.27
N SER A 95 -30.41 5.96 -25.21
CA SER A 95 -29.28 6.46 -24.43
C SER A 95 -29.72 6.69 -22.99
N PRO A 96 -28.94 6.23 -22.01
CA PRO A 96 -29.30 6.46 -20.61
C PRO A 96 -29.11 7.93 -20.25
N PRO A 97 -29.84 8.42 -19.24
CA PRO A 97 -29.70 9.83 -18.86
C PRO A 97 -28.37 10.08 -18.16
N GLU A 98 -28.09 11.37 -17.96
CA GLU A 98 -26.89 11.75 -17.23
C GLU A 98 -26.97 11.23 -15.79
N LEU A 99 -25.80 10.93 -15.23
CA LEU A 99 -25.74 10.44 -13.86
C LEU A 99 -26.24 11.54 -12.91
N PRO A 100 -27.18 11.23 -12.02
CA PRO A 100 -27.61 12.23 -11.03
C PRO A 100 -26.43 12.70 -10.18
N ASP A 101 -26.58 13.91 -9.64
CA ASP A 101 -25.50 14.52 -8.87
C ASP A 101 -25.10 13.66 -7.68
N VAL A 102 -26.05 12.93 -7.08
CA VAL A 102 -25.76 12.08 -5.93
C VAL A 102 -25.11 10.76 -6.32
N MET A 103 -24.80 10.55 -7.59
CA MET A 103 -24.17 9.31 -8.03
C MET A 103 -22.79 9.58 -8.62
N MET B 2 -41.59 -21.84 -28.01
CA MET B 2 -42.55 -20.74 -27.83
C MET B 2 -41.87 -19.50 -27.28
N TYR B 3 -42.11 -18.37 -27.93
CA TYR B 3 -41.51 -17.09 -27.57
C TYR B 3 -42.60 -16.06 -27.32
N VAL B 4 -42.20 -14.94 -26.71
CA VAL B 4 -43.07 -13.80 -26.51
C VAL B 4 -42.28 -12.55 -26.88
N LYS B 5 -43.01 -11.45 -27.11
CA LYS B 5 -42.41 -10.18 -27.49
C LYS B 5 -42.61 -9.17 -26.37
N LEU B 6 -41.51 -8.61 -25.89
CA LEU B 6 -41.52 -7.54 -24.91
C LEU B 6 -41.06 -6.27 -25.62
N ILE B 7 -41.98 -5.31 -25.77
CA ILE B 7 -41.70 -4.08 -26.51
C ILE B 7 -41.37 -2.99 -25.51
N SER B 8 -40.23 -2.33 -25.71
CA SER B 8 -39.81 -1.23 -24.86
C SER B 8 -40.61 0.03 -25.19
N SER B 9 -40.34 1.10 -24.45
CA SER B 9 -41.06 2.35 -24.67
C SER B 9 -40.66 3.03 -25.97
N ASP B 10 -39.46 2.73 -26.50
CA ASP B 10 -38.98 3.35 -27.72
C ASP B 10 -39.10 2.44 -28.93
N GLY B 11 -39.98 1.44 -28.88
CA GLY B 11 -40.30 0.63 -30.03
C GLY B 11 -39.48 -0.63 -30.21
N HIS B 12 -38.34 -0.75 -29.53
CA HIS B 12 -37.51 -1.94 -29.67
C HIS B 12 -38.27 -3.18 -29.21
N GLU B 13 -38.19 -4.24 -30.01
CA GLU B 13 -38.94 -5.47 -29.77
C GLU B 13 -37.98 -6.57 -29.38
N PHE B 14 -38.10 -7.05 -28.14
CA PHE B 14 -37.24 -8.10 -27.61
C PHE B 14 -38.03 -9.40 -27.56
N ILE B 15 -37.55 -10.40 -28.30
CA ILE B 15 -38.18 -11.70 -28.39
C ILE B 15 -37.39 -12.68 -27.53
N VAL B 16 -37.98 -13.11 -26.42
CA VAL B 16 -37.35 -14.03 -25.50
C VAL B 16 -38.22 -15.28 -25.39
N LYS B 17 -37.66 -16.31 -24.77
CA LYS B 17 -38.42 -17.52 -24.51
C LYS B 17 -39.54 -17.24 -23.52
N ARG B 18 -40.66 -17.94 -23.72
CA ARG B 18 -41.83 -17.70 -22.88
C ARG B 18 -41.53 -18.01 -21.41
N GLU B 19 -40.88 -19.13 -21.14
CA GLU B 19 -40.56 -19.50 -19.76
C GLU B 19 -39.61 -18.50 -19.12
N HIS B 20 -38.77 -17.84 -19.92
CA HIS B 20 -37.93 -16.78 -19.38
C HIS B 20 -38.77 -15.58 -18.96
N ALA B 21 -39.82 -15.27 -19.73
CA ALA B 21 -40.66 -14.13 -19.40
C ALA B 21 -41.59 -14.42 -18.23
N LEU B 22 -41.95 -15.69 -18.03
CA LEU B 22 -42.79 -16.06 -16.89
C LEU B 22 -42.07 -15.94 -15.56
N THR B 23 -40.75 -15.70 -15.57
CA THR B 23 -40.01 -15.43 -14.34
C THR B 23 -40.65 -14.28 -13.57
N SER B 24 -40.94 -13.18 -14.27
CA SER B 24 -41.63 -12.05 -13.67
C SER B 24 -43.12 -12.35 -13.57
N GLY B 25 -43.65 -12.33 -12.34
CA GLY B 25 -45.07 -12.56 -12.16
C GLY B 25 -45.92 -11.51 -12.83
N THR B 26 -45.43 -10.28 -12.91
CA THR B 26 -46.17 -9.22 -13.59
C THR B 26 -46.34 -9.54 -15.07
N ILE B 27 -45.25 -9.93 -15.74
CA ILE B 27 -45.32 -10.22 -17.17
C ILE B 27 -46.28 -11.36 -17.46
N LYS B 28 -46.37 -12.33 -16.54
CA LYS B 28 -47.36 -13.40 -16.70
C LYS B 28 -48.78 -12.84 -16.66
N ALA B 29 -49.00 -11.82 -15.83
CA ALA B 29 -50.32 -11.20 -15.75
C ALA B 29 -50.63 -10.38 -16.99
N MET B 30 -49.65 -9.62 -17.49
CA MET B 30 -49.85 -8.84 -18.71
C MET B 30 -49.94 -9.71 -19.95
N LEU B 31 -49.65 -11.01 -19.85
CA LEU B 31 -49.84 -11.93 -20.95
C LEU B 31 -51.12 -12.74 -20.83
N SER B 32 -51.68 -12.85 -19.63
CA SER B 32 -52.91 -13.61 -19.43
C SER B 32 -53.97 -12.74 -18.74
N ASN B 43 -49.57 -12.77 -28.14
CA ASN B 43 -48.81 -12.69 -26.89
C ASN B 43 -47.66 -11.68 -26.99
N GLU B 44 -48.03 -10.40 -27.01
CA GLU B 44 -47.08 -9.30 -26.96
C GLU B 44 -47.32 -8.50 -25.68
N VAL B 45 -46.29 -7.78 -25.25
CA VAL B 45 -46.38 -6.94 -24.06
C VAL B 45 -45.65 -5.63 -24.34
N ASN B 46 -46.34 -4.51 -24.12
CA ASN B 46 -45.76 -3.19 -24.30
C ASN B 46 -45.44 -2.58 -22.95
N PHE B 47 -44.27 -1.95 -22.84
CA PHE B 47 -43.82 -1.32 -21.60
C PHE B 47 -43.69 0.18 -21.86
N ARG B 48 -44.68 0.95 -21.40
CA ARG B 48 -44.70 2.39 -21.64
C ARG B 48 -43.58 3.13 -20.91
N GLU B 49 -43.02 2.53 -19.85
CA GLU B 49 -42.08 3.23 -18.99
C GLU B 49 -40.68 2.65 -18.98
N ILE B 50 -40.41 1.61 -19.77
CA ILE B 50 -39.10 0.95 -19.75
C ILE B 50 -38.44 1.18 -21.10
N PRO B 51 -37.39 2.00 -21.17
CA PRO B 51 -36.68 2.17 -22.43
C PRO B 51 -35.87 0.94 -22.79
N SER B 52 -35.34 0.94 -24.01
CA SER B 52 -34.68 -0.26 -24.53
C SER B 52 -33.39 -0.55 -23.76
N HIS B 53 -32.67 0.49 -23.34
CA HIS B 53 -31.44 0.28 -22.60
C HIS B 53 -31.68 -0.24 -21.18
N VAL B 54 -32.94 -0.40 -20.78
CA VAL B 54 -33.29 -1.05 -19.53
C VAL B 54 -33.89 -2.43 -19.77
N LEU B 55 -34.78 -2.54 -20.76
CA LEU B 55 -35.42 -3.83 -21.05
C LEU B 55 -34.43 -4.85 -21.59
N SER B 56 -33.43 -4.40 -22.36
CA SER B 56 -32.41 -5.33 -22.82
C SER B 56 -31.64 -5.94 -21.65
N LYS B 57 -31.39 -5.14 -20.62
CA LYS B 57 -30.76 -5.66 -19.41
C LYS B 57 -31.68 -6.65 -18.70
N VAL B 58 -32.99 -6.36 -18.68
CA VAL B 58 -33.95 -7.25 -18.05
C VAL B 58 -33.93 -8.62 -18.72
N CYS B 59 -33.90 -8.63 -20.06
CA CYS B 59 -33.85 -9.90 -20.78
C CYS B 59 -32.54 -10.63 -20.52
N MET B 60 -31.44 -9.89 -20.37
CA MET B 60 -30.18 -10.51 -20.02
C MET B 60 -30.25 -11.17 -18.65
N TYR B 61 -31.04 -10.60 -17.72
CA TYR B 61 -31.19 -11.22 -16.41
C TYR B 61 -32.02 -12.51 -16.49
N PHE B 62 -32.98 -12.57 -17.42
CA PHE B 62 -33.74 -13.80 -17.60
C PHE B 62 -32.84 -14.96 -17.95
N THR B 63 -31.96 -14.77 -18.93
CA THR B 63 -30.98 -15.81 -19.28
C THR B 63 -30.05 -16.09 -18.10
N TYR B 64 -29.63 -15.03 -17.40
CA TYR B 64 -28.72 -15.19 -16.28
C TYR B 64 -29.37 -15.99 -15.15
N LYS B 65 -30.62 -15.67 -14.81
CA LYS B 65 -31.28 -16.35 -13.70
C LYS B 65 -31.53 -17.82 -14.02
N VAL B 66 -32.03 -18.11 -15.22
CA VAL B 66 -32.34 -19.49 -15.57
C VAL B 66 -31.07 -20.33 -15.66
N ARG B 67 -29.96 -19.73 -16.06
CA ARG B 67 -28.74 -20.49 -16.28
C ARG B 67 -28.05 -20.86 -14.97
N TYR B 68 -28.05 -19.95 -13.99
CA TYR B 68 -27.28 -20.13 -12.78
C TYR B 68 -28.13 -20.50 -11.55
N THR B 69 -29.44 -20.65 -11.71
CA THR B 69 -30.28 -21.14 -10.62
C THR B 69 -30.18 -22.66 -10.55
N ASN B 70 -30.03 -23.18 -9.33
CA ASN B 70 -29.86 -24.61 -9.10
C ASN B 70 -28.64 -25.14 -9.85
N SER B 71 -27.55 -24.39 -9.78
CA SER B 71 -26.33 -24.73 -10.50
C SER B 71 -25.16 -24.75 -9.51
N SER B 72 -24.25 -25.71 -9.71
CA SER B 72 -23.12 -25.89 -8.82
C SER B 72 -21.89 -25.08 -9.23
N THR B 73 -21.72 -24.83 -10.52
CA THR B 73 -20.57 -24.04 -10.97
C THR B 73 -20.63 -22.63 -10.39
N GLU B 74 -19.46 -22.04 -10.23
CA GLU B 74 -19.35 -20.72 -9.60
C GLU B 74 -20.17 -19.69 -10.36
N ILE B 75 -20.96 -18.91 -9.62
CA ILE B 75 -21.87 -17.94 -10.20
C ILE B 75 -21.15 -16.59 -10.34
N PRO B 76 -21.16 -15.99 -11.52
CA PRO B 76 -20.56 -14.66 -11.68
C PRO B 76 -21.54 -13.54 -11.35
N GLU B 77 -20.97 -12.36 -11.11
CA GLU B 77 -21.77 -11.21 -10.75
C GLU B 77 -22.56 -10.70 -11.95
N PHE B 78 -23.81 -10.31 -11.71
CA PHE B 78 -24.61 -9.71 -12.76
C PHE B 78 -24.23 -8.23 -12.89
N PRO B 79 -23.64 -7.83 -14.00
CA PRO B 79 -23.13 -6.45 -14.11
C PRO B 79 -24.23 -5.45 -14.40
N ILE B 80 -24.16 -4.31 -13.70
CA ILE B 80 -25.11 -3.21 -13.89
C ILE B 80 -24.29 -1.93 -13.94
N ALA B 81 -24.30 -1.27 -15.10
CA ALA B 81 -23.63 0.01 -15.21
C ALA B 81 -24.29 1.03 -14.30
N PRO B 82 -23.52 2.00 -13.77
CA PRO B 82 -24.12 3.00 -12.88
C PRO B 82 -25.18 3.86 -13.55
N GLU B 83 -25.01 4.17 -14.84
CA GLU B 83 -25.93 5.08 -15.52
C GLU B 83 -27.31 4.48 -15.74
N ILE B 84 -27.45 3.16 -15.62
CA ILE B 84 -28.74 2.48 -15.79
C ILE B 84 -29.26 1.89 -14.51
N ALA B 85 -28.52 2.04 -13.39
CA ALA B 85 -28.93 1.38 -12.16
C ALA B 85 -30.25 1.93 -11.63
N LEU B 86 -30.44 3.24 -11.69
CA LEU B 86 -31.66 3.83 -11.13
C LEU B 86 -32.90 3.39 -11.92
N GLU B 87 -32.82 3.44 -13.25
CA GLU B 87 -33.96 3.03 -14.07
C GLU B 87 -34.23 1.54 -13.95
N LEU B 88 -33.17 0.72 -13.99
CA LEU B 88 -33.33 -0.72 -13.85
C LEU B 88 -33.95 -1.07 -12.50
N LEU B 89 -33.68 -0.28 -11.47
CA LEU B 89 -34.27 -0.53 -10.15
C LEU B 89 -35.78 -0.34 -10.18
N MET B 90 -36.24 0.75 -10.81
CA MET B 90 -37.68 0.99 -10.89
C MET B 90 -38.36 -0.07 -11.74
N ALA B 91 -37.73 -0.49 -12.83
CA ALA B 91 -38.29 -1.56 -13.65
C ALA B 91 -38.35 -2.87 -12.88
N ALA B 92 -37.28 -3.20 -12.15
CA ALA B 92 -37.27 -4.44 -11.37
C ALA B 92 -38.26 -4.38 -10.22
N ASN B 93 -38.45 -3.19 -9.63
CA ASN B 93 -39.44 -3.05 -8.57
C ASN B 93 -40.86 -3.23 -9.11
N PHE B 94 -41.12 -2.73 -10.32
CA PHE B 94 -42.44 -2.85 -10.91
C PHE B 94 -42.71 -4.28 -11.38
N LEU B 95 -41.73 -4.92 -12.01
CA LEU B 95 -41.89 -6.28 -12.50
C LEU B 95 -41.70 -7.33 -11.41
N ASP B 96 -41.22 -6.93 -10.23
CA ASP B 96 -40.96 -7.87 -9.13
C ASP B 96 -40.04 -9.00 -9.57
N CYS B 97 -38.99 -8.67 -10.32
CA CYS B 97 -38.03 -9.68 -10.74
C CYS B 97 -36.67 -9.44 -10.07
N VAL C 11 -32.05 -19.23 19.87
CA VAL C 11 -32.40 -20.46 19.16
C VAL C 11 -31.27 -20.86 18.21
N LEU C 12 -30.92 -19.96 17.31
CA LEU C 12 -29.81 -20.17 16.37
C LEU C 12 -28.51 -19.96 17.12
N ARG C 13 -27.93 -21.05 17.62
CA ARG C 13 -26.70 -21.00 18.38
C ARG C 13 -25.85 -22.23 18.06
N SER C 14 -24.55 -22.12 18.33
CA SER C 14 -23.64 -23.23 18.13
C SER C 14 -23.76 -24.24 19.26
N VAL C 15 -23.53 -25.51 18.94
CA VAL C 15 -23.53 -26.57 19.93
C VAL C 15 -22.12 -26.69 20.50
N ASN C 16 -22.00 -26.46 21.81
CA ASN C 16 -20.71 -26.57 22.49
C ASN C 16 -20.29 -28.03 22.62
N SER C 17 -19.88 -28.64 21.51
CA SER C 17 -19.53 -30.07 21.51
C SER C 17 -18.07 -30.32 21.86
N ARG C 18 -17.21 -29.31 21.75
CA ARG C 18 -15.78 -29.43 22.01
C ARG C 18 -15.11 -30.49 21.13
N GLU C 19 -15.72 -30.81 19.99
CA GLU C 19 -15.15 -31.79 19.07
C GLU C 19 -14.55 -31.04 17.88
N PRO C 20 -13.23 -31.02 17.74
CA PRO C 20 -12.62 -30.21 16.68
C PRO C 20 -13.08 -30.64 15.29
N SER C 21 -13.20 -29.66 14.39
CA SER C 21 -13.57 -29.91 13.01
C SER C 21 -12.80 -28.94 12.13
N GLN C 22 -11.91 -29.46 11.30
CA GLN C 22 -11.10 -28.62 10.42
C GLN C 22 -11.93 -28.19 9.21
N VAL C 23 -11.85 -26.91 8.87
CA VAL C 23 -12.65 -26.32 7.81
C VAL C 23 -11.75 -25.50 6.89
N ILE C 24 -12.10 -25.45 5.61
CA ILE C 24 -11.44 -24.60 4.63
C ILE C 24 -12.49 -23.61 4.14
N PHE C 25 -12.30 -22.34 4.47
CA PHE C 25 -13.18 -21.29 3.96
C PHE C 25 -12.77 -20.95 2.54
N ASN C 27 -13.53 -18.86 -0.70
CA ASN C 27 -14.25 -17.71 -1.24
C ASN C 27 -14.25 -17.70 -2.77
N ARG C 28 -15.24 -18.37 -3.37
CA ARG C 28 -15.40 -18.34 -4.83
C ARG C 28 -16.44 -17.28 -5.21
N SER C 29 -16.12 -16.03 -4.87
CA SER C 29 -16.99 -14.90 -5.13
C SER C 29 -16.12 -13.67 -5.31
N PRO C 30 -16.58 -12.68 -6.06
CA PRO C 30 -15.80 -11.44 -6.23
C PRO C 30 -15.86 -10.48 -5.05
N ARG C 31 -16.47 -10.88 -3.94
CA ARG C 31 -16.62 -10.01 -2.78
C ARG C 31 -15.59 -10.35 -1.70
N VAL C 32 -15.37 -9.40 -0.80
CA VAL C 32 -14.59 -9.64 0.41
C VAL C 32 -15.52 -10.31 1.41
N VAL C 33 -15.27 -11.57 1.72
CA VAL C 33 -16.17 -12.38 2.54
C VAL C 33 -15.86 -12.15 4.01
N LEU C 34 -16.90 -11.85 4.79
CA LEU C 34 -16.79 -11.72 6.24
C LEU C 34 -17.41 -12.95 6.89
N PRO C 35 -16.61 -13.87 7.42
CA PRO C 35 -17.20 -15.02 8.12
C PRO C 35 -17.76 -14.60 9.47
N VAL C 36 -18.90 -15.19 9.82
CA VAL C 36 -19.61 -14.85 11.05
C VAL C 36 -19.92 -16.14 11.80
N TRP C 37 -19.36 -16.27 13.00
CA TRP C 37 -19.62 -17.40 13.87
C TRP C 37 -20.70 -17.01 14.88
N LEU C 38 -21.71 -17.87 15.03
CA LEU C 38 -22.76 -17.66 16.01
C LEU C 38 -22.36 -18.38 17.30
N ASN C 39 -22.05 -17.60 18.34
CA ASN C 39 -21.53 -18.17 19.57
C ASN C 39 -22.62 -18.94 20.31
N PHE C 40 -22.31 -19.40 21.53
CA PHE C 40 -23.22 -20.27 22.26
C PHE C 40 -24.43 -19.53 22.82
N ASP C 41 -24.47 -18.21 22.70
CA ASP C 41 -25.65 -17.42 23.06
C ASP C 41 -26.35 -16.82 21.84
N GLY C 42 -26.02 -17.29 20.64
CA GLY C 42 -26.62 -16.78 19.43
C GLY C 42 -26.05 -15.47 18.91
N GLU C 43 -25.15 -14.83 19.67
CA GLU C 43 -24.59 -13.57 19.23
C GLU C 43 -23.66 -13.80 18.03
N PRO C 44 -23.75 -12.97 16.99
CA PRO C 44 -22.87 -13.14 15.83
C PRO C 44 -21.46 -12.60 16.13
N GLN C 45 -20.46 -13.42 15.86
CA GLN C 45 -19.06 -13.05 16.10
C GLN C 45 -18.32 -12.98 14.77
N PRO C 46 -17.69 -11.87 14.44
CA PRO C 46 -17.00 -11.75 13.15
C PRO C 46 -15.56 -12.26 13.21
N TYR C 47 -15.10 -12.76 12.07
CA TYR C 47 -13.76 -13.31 11.94
C TYR C 47 -13.00 -12.56 10.85
N PRO C 48 -11.68 -12.72 10.75
CA PRO C 48 -10.94 -12.02 9.69
C PRO C 48 -11.49 -12.32 8.31
N THR C 49 -11.49 -11.31 7.44
CA THR C 49 -12.12 -11.41 6.14
C THR C 49 -11.22 -12.14 5.14
N LEU C 50 -11.84 -12.61 4.06
CA LEU C 50 -11.15 -13.31 2.99
C LEU C 50 -11.24 -12.49 1.71
N PRO C 51 -10.14 -12.09 1.11
CA PRO C 51 -10.18 -11.42 -0.20
C PRO C 51 -10.82 -12.33 -1.25
N PRO C 52 -11.29 -11.78 -2.36
CA PRO C 52 -11.94 -12.62 -3.37
C PRO C 52 -10.98 -13.64 -3.95
N GLY C 53 -11.48 -14.86 -4.12
CA GLY C 53 -10.69 -15.95 -4.68
C GLY C 53 -9.68 -16.56 -3.74
N THR C 54 -9.65 -16.17 -2.48
CA THR C 54 -8.67 -16.65 -1.52
C THR C 54 -9.31 -17.65 -0.57
N GLY C 55 -8.47 -18.50 0.03
CA GLY C 55 -8.94 -19.51 0.95
C GLY C 55 -8.21 -19.42 2.28
N ARG C 56 -8.80 -20.06 3.28
CA ARG C 56 -8.22 -20.05 4.62
C ARG C 56 -8.61 -21.32 5.36
N ARG C 57 -7.63 -21.94 6.00
CA ARG C 57 -7.86 -23.11 6.84
C ARG C 57 -8.14 -22.63 8.26
N ILE C 58 -9.33 -22.94 8.77
CA ILE C 58 -9.73 -22.52 10.11
C ILE C 58 -10.06 -23.75 10.94
N HIS C 59 -9.91 -23.62 12.26
CA HIS C 59 -10.19 -24.68 13.21
C HIS C 59 -11.51 -24.37 13.91
N SER C 60 -12.55 -25.13 13.59
CA SER C 60 -13.84 -24.94 14.24
C SER C 60 -14.23 -26.20 15.01
N TYR C 61 -15.52 -26.41 15.21
CA TYR C 61 -16.00 -27.54 15.99
C TYR C 61 -17.31 -28.03 15.41
N ARG C 62 -17.60 -29.31 15.65
CA ARG C 62 -18.84 -29.89 15.15
C ARG C 62 -20.03 -29.23 15.82
N GLY C 63 -21.09 -29.00 15.04
CA GLY C 63 -22.27 -28.35 15.56
C GLY C 63 -22.21 -26.85 15.64
N HIS C 64 -21.14 -26.24 15.15
CA HIS C 64 -21.02 -24.79 15.18
C HIS C 64 -21.70 -24.17 13.97
N LEU C 65 -22.15 -22.92 14.13
CA LEU C 65 -22.94 -22.23 13.12
C LEU C 65 -22.10 -21.13 12.48
N TRP C 66 -22.02 -21.16 11.15
CA TRP C 66 -21.29 -20.16 10.38
C TRP C 66 -22.16 -19.63 9.26
N LEU C 67 -22.13 -18.31 9.07
CA LEU C 67 -22.71 -17.67 7.89
C LEU C 67 -21.72 -16.64 7.37
N PHE C 68 -21.84 -16.31 6.09
CA PHE C 68 -20.86 -15.48 5.41
C PHE C 68 -21.57 -14.36 4.66
N ARG C 69 -20.98 -13.17 4.72
CA ARG C 69 -21.56 -11.98 4.13
C ARG C 69 -20.48 -11.19 3.39
N ASP C 70 -20.93 -10.23 2.60
CA ASP C 70 -20.03 -9.22 2.04
C ASP C 70 -19.50 -8.36 3.17
N ALA C 71 -18.17 -8.31 3.33
CA ALA C 71 -17.59 -7.59 4.46
C ALA C 71 -17.87 -6.10 4.40
N GLY C 72 -18.14 -5.55 3.21
CA GLY C 72 -18.36 -4.12 3.08
C GLY C 72 -19.81 -3.70 3.13
N THR C 73 -20.69 -4.52 2.56
CA THR C 73 -22.10 -4.20 2.45
C THR C 73 -23.02 -5.16 3.20
N HIS C 74 -22.49 -6.24 3.77
CA HIS C 74 -23.25 -7.23 4.50
C HIS C 74 -24.28 -7.94 3.62
N ASP C 75 -24.09 -7.92 2.31
CA ASP C 75 -24.95 -8.68 1.41
C ASP C 75 -24.85 -10.17 1.75
N GLY C 76 -25.98 -10.86 1.66
CA GLY C 76 -26.00 -12.28 1.95
C GLY C 76 -25.23 -13.07 0.92
N LEU C 77 -24.53 -14.12 1.38
CA LEU C 77 -23.81 -15.02 0.52
C LEU C 77 -24.20 -16.45 0.84
N LEU C 78 -23.97 -17.34 -0.12
CA LEU C 78 -24.26 -18.75 0.05
C LEU C 78 -23.00 -19.52 0.40
N VAL C 79 -23.16 -20.54 1.23
CA VAL C 79 -22.08 -21.48 1.55
C VAL C 79 -22.61 -22.88 1.35
N ASN C 80 -22.01 -23.62 0.43
CA ASN C 80 -22.50 -24.93 0.01
C ASN C 80 -23.97 -24.86 -0.39
N GLN C 81 -24.32 -23.80 -1.11
CA GLN C 81 -25.66 -23.58 -1.66
C GLN C 81 -26.72 -23.44 -0.56
N THR C 82 -26.31 -22.97 0.61
CA THR C 82 -27.25 -22.76 1.71
C THR C 82 -26.80 -21.53 2.49
N GLU C 83 -27.62 -21.12 3.46
CA GLU C 83 -27.31 -19.94 4.26
C GLU C 83 -26.36 -20.26 5.40
N LEU C 84 -26.63 -21.35 6.12
CA LEU C 84 -25.85 -21.72 7.30
C LEU C 84 -24.91 -22.87 6.99
N PHE C 85 -23.71 -22.82 7.56
CA PHE C 85 -22.70 -23.84 7.38
C PHE C 85 -22.37 -24.45 8.74
N VAL C 86 -22.52 -25.76 8.85
CA VAL C 86 -22.24 -26.47 10.10
C VAL C 86 -21.11 -27.47 9.87
N PRO C 87 -19.94 -27.27 10.46
CA PRO C 87 -18.87 -28.27 10.34
C PRO C 87 -19.31 -29.60 10.92
N SER C 88 -18.98 -30.67 10.21
CA SER C 88 -19.34 -32.03 10.60
C SER C 88 -18.09 -32.82 10.92
N LEU C 89 -18.24 -34.15 11.01
CA LEU C 89 -17.11 -35.02 11.28
C LEU C 89 -16.13 -35.00 10.11
N ASN C 90 -14.85 -34.77 10.41
CA ASN C 90 -13.82 -34.69 9.38
C ASN C 90 -13.66 -36.02 8.63
N PRO C 95 -10.49 -32.26 5.91
CA PRO C 95 -11.26 -31.08 6.31
C PRO C 95 -12.48 -30.85 5.42
N ILE C 96 -13.52 -30.23 5.97
CA ILE C 96 -14.75 -29.98 5.22
C ILE C 96 -14.60 -28.69 4.42
N PHE C 97 -14.99 -28.74 3.16
CA PHE C 97 -14.90 -27.58 2.28
C PHE C 97 -16.11 -26.67 2.46
N ALA C 98 -15.86 -25.39 2.70
CA ALA C 98 -16.91 -24.38 2.84
C ALA C 98 -16.90 -23.52 1.58
N ASN C 99 -17.72 -23.91 0.60
CA ASN C 99 -17.75 -23.25 -0.70
C ASN C 99 -18.62 -22.01 -0.63
N ILE C 100 -17.99 -20.84 -0.58
CA ILE C 100 -18.70 -19.56 -0.49
C ILE C 100 -18.86 -19.00 -1.89
N THR C 101 -20.11 -18.84 -2.34
CA THR C 101 -20.40 -18.35 -3.68
C THR C 101 -21.42 -17.22 -3.61
N LEU C 102 -21.52 -16.49 -4.71
CA LEU C 102 -22.59 -15.52 -4.86
C LEU C 102 -23.92 -16.25 -5.03
N PRO C 103 -25.00 -15.74 -4.43
CA PRO C 103 -26.33 -16.24 -4.77
C PRO C 103 -26.84 -15.54 -6.03
N VAL C 104 -27.89 -16.12 -6.60
CA VAL C 104 -28.58 -15.46 -7.71
C VAL C 104 -29.49 -14.40 -7.12
N TYR C 105 -28.96 -13.21 -6.89
CA TYR C 105 -29.77 -12.12 -6.37
C TYR C 105 -30.93 -11.81 -7.30
N THR C 106 -32.05 -11.38 -6.72
CA THR C 106 -33.11 -10.82 -7.52
C THR C 106 -32.62 -9.55 -8.21
N LEU C 107 -33.20 -9.25 -9.37
CA LEU C 107 -32.81 -8.04 -10.09
C LEU C 107 -33.02 -6.80 -9.23
N LYS C 108 -34.08 -6.78 -8.42
CA LYS C 108 -34.34 -5.63 -7.57
C LYS C 108 -33.24 -5.46 -6.52
N GLU C 109 -32.94 -6.54 -5.78
CA GLU C 109 -31.90 -6.44 -4.75
C GLU C 109 -30.55 -6.13 -5.37
N ARG C 110 -30.23 -6.75 -6.51
CA ARG C 110 -28.98 -6.45 -7.20
C ARG C 110 -28.91 -4.97 -7.58
N CYS C 111 -30.03 -4.40 -8.01
CA CYS C 111 -30.07 -2.97 -8.31
C CYS C 111 -29.87 -2.15 -7.04
N LEU C 112 -30.54 -2.52 -5.96
CA LEU C 112 -30.34 -1.83 -4.68
C LEU C 112 -28.87 -1.87 -4.28
N GLN C 113 -28.20 -3.01 -4.51
CA GLN C 113 -26.78 -3.12 -4.17
C GLN C 113 -25.95 -2.10 -4.94
N VAL C 114 -26.20 -1.98 -6.25
CA VAL C 114 -25.42 -1.06 -7.06
C VAL C 114 -25.73 0.39 -6.68
N VAL C 115 -27.01 0.72 -6.48
CA VAL C 115 -27.37 2.08 -6.12
C VAL C 115 -26.83 2.43 -4.74
N ARG C 116 -26.88 1.47 -3.79
CA ARG C 116 -26.34 1.72 -2.45
C ARG C 116 -24.86 2.06 -2.52
N SER C 117 -24.12 1.39 -3.40
CA SER C 117 -22.68 1.59 -3.51
C SER C 117 -22.30 2.89 -4.22
N LEU C 118 -23.28 3.65 -4.73
CA LEU C 118 -23.00 4.90 -5.41
C LEU C 118 -23.59 6.12 -4.73
N VAL C 119 -24.62 5.97 -3.91
CA VAL C 119 -25.28 7.09 -3.24
C VAL C 119 -25.07 6.94 -1.74
N LYS C 120 -24.65 8.03 -1.10
CA LYS C 120 -24.52 8.03 0.35
C LYS C 120 -25.91 8.03 0.99
N PRO C 121 -26.06 7.34 2.14
CA PRO C 121 -27.35 7.25 2.83
C PRO C 121 -27.90 8.60 3.28
N ASN C 123 -28.17 10.92 1.08
CA ASN C 123 -28.67 11.42 -0.19
C ASN C 123 -29.65 10.46 -0.84
N TYR C 124 -30.12 9.48 -0.05
CA TYR C 124 -31.08 8.51 -0.58
C TYR C 124 -32.36 9.20 -1.03
N ARG C 125 -32.90 10.08 -0.19
CA ARG C 125 -34.15 10.76 -0.51
C ARG C 125 -34.03 11.67 -1.72
N ARG C 126 -32.82 12.11 -2.06
CA ARG C 126 -32.63 13.03 -3.17
C ARG C 126 -32.84 12.37 -4.53
N LEU C 127 -32.90 11.04 -4.59
CA LEU C 127 -33.17 10.36 -5.85
C LEU C 127 -34.61 10.61 -6.29
N ASP C 128 -34.89 10.29 -7.56
CA ASP C 128 -36.21 10.47 -8.14
C ASP C 128 -36.82 9.08 -8.33
N ILE C 129 -37.38 8.54 -7.24
CA ILE C 129 -37.99 7.22 -7.24
C ILE C 129 -39.22 7.25 -6.34
N VAL C 130 -39.99 6.17 -6.38
CA VAL C 130 -41.17 6.07 -5.52
C VAL C 130 -40.75 5.94 -4.06
N ARG C 131 -41.66 6.32 -3.16
CA ARG C 131 -41.32 6.38 -1.75
C ARG C 131 -40.98 5.01 -1.18
N SER C 132 -41.61 3.95 -1.67
CA SER C 132 -41.29 2.61 -1.19
C SER C 132 -39.89 2.17 -1.60
N LEU C 133 -39.34 2.76 -2.66
CA LEU C 133 -37.97 2.44 -3.06
C LEU C 133 -36.95 3.11 -2.15
N TYR C 134 -37.29 4.24 -1.55
CA TYR C 134 -36.40 4.85 -0.57
C TYR C 134 -36.27 3.98 0.67
N GLU C 135 -37.39 3.40 1.13
CA GLU C 135 -37.35 2.51 2.28
C GLU C 135 -36.63 1.20 1.97
N ASP C 136 -36.71 0.74 0.72
CA ASP C 136 -35.95 -0.44 0.32
C ASP C 136 -34.46 -0.15 0.33
N LEU C 137 -34.07 1.05 -0.10
CA LEU C 137 -32.66 1.42 -0.09
C LEU C 137 -32.13 1.57 1.34
N GLU C 138 -32.96 2.06 2.25
CA GLU C 138 -32.53 2.25 3.63
C GLU C 138 -32.50 0.94 4.41
N ASP C 139 -33.33 -0.03 4.02
CA ASP C 139 -33.35 -1.34 4.67
C ASP C 139 -32.14 -2.15 4.21
N HIS C 140 -30.97 -1.76 4.74
CA HIS C 140 -29.73 -2.42 4.40
C HIS C 140 -29.77 -3.89 4.81
N PRO C 141 -29.06 -4.75 4.10
CA PRO C 141 -28.87 -6.13 4.58
C PRO C 141 -28.14 -6.12 5.92
N ASN C 142 -28.63 -6.91 6.85
CA ASN C 142 -28.09 -6.91 8.20
C ASN C 142 -28.17 -8.31 8.79
N VAL C 143 -27.12 -8.70 9.50
CA VAL C 143 -27.05 -10.06 10.03
C VAL C 143 -28.12 -10.29 11.09
N GLN C 144 -28.38 -9.29 11.94
CA GLN C 144 -29.36 -9.47 12.99
C GLN C 144 -30.78 -9.61 12.42
N LYS C 145 -31.07 -8.85 11.35
CA LYS C 145 -32.38 -8.97 10.71
C LYS C 145 -32.57 -10.36 10.11
N ASP C 146 -31.53 -10.89 9.46
CA ASP C 146 -31.62 -12.22 8.88
C ASP C 146 -31.68 -13.33 9.93
N LEU C 147 -31.15 -13.08 11.13
CA LEU C 147 -31.19 -14.10 12.17
C LEU C 147 -32.60 -14.33 12.68
N GLU C 148 -33.36 -13.25 12.88
CA GLU C 148 -34.77 -13.41 13.25
C GLU C 148 -35.56 -14.07 12.13
N ARG C 149 -35.20 -13.81 10.87
CA ARG C 149 -35.86 -14.46 9.75
C ARG C 149 -35.68 -15.97 9.81
N LEU C 150 -34.44 -16.42 9.93
CA LEU C 150 -34.15 -17.85 10.05
C LEU C 150 -34.62 -18.38 11.40
N MET D 1 -5.06 16.72 -14.00
CA MET D 1 -5.05 18.05 -13.38
C MET D 1 -6.04 18.99 -14.08
N ASP D 2 -6.73 19.81 -13.30
CA ASP D 2 -7.79 20.65 -13.81
C ASP D 2 -7.30 22.07 -14.02
N VAL D 3 -7.75 22.68 -15.12
CA VAL D 3 -7.57 24.11 -15.37
C VAL D 3 -8.93 24.77 -15.33
N PHE D 4 -8.96 26.03 -14.91
CA PHE D 4 -10.20 26.78 -14.75
C PHE D 4 -10.16 28.00 -15.66
N LEU D 5 -11.19 28.14 -16.49
CA LEU D 5 -11.13 29.06 -17.62
C LEU D 5 -12.29 30.05 -17.61
N MET D 6 -12.07 31.18 -18.26
CA MET D 6 -13.09 32.15 -18.61
C MET D 6 -13.13 32.22 -20.13
N ILE D 7 -14.15 31.60 -20.73
CA ILE D 7 -14.35 31.68 -22.18
C ILE D 7 -15.17 32.93 -22.45
N ARG D 8 -14.53 33.93 -23.04
CA ARG D 8 -15.12 35.26 -23.19
C ARG D 8 -15.25 35.63 -24.66
N ARG D 9 -16.41 36.18 -25.01
CA ARG D 9 -16.68 36.71 -26.34
C ARG D 9 -17.65 37.87 -26.20
N HIS D 10 -17.29 39.03 -26.76
CA HIS D 10 -18.12 40.24 -26.68
C HIS D 10 -18.40 40.59 -25.23
N LYS D 11 -19.65 40.43 -24.79
CA LYS D 11 -20.04 40.64 -23.41
C LYS D 11 -20.44 39.34 -22.72
N THR D 12 -20.02 38.20 -23.27
CA THR D 12 -20.30 36.89 -22.69
C THR D 12 -19.07 36.38 -21.97
N THR D 13 -19.29 35.65 -20.88
CA THR D 13 -18.20 35.08 -20.10
C THR D 13 -18.67 33.75 -19.52
N ILE D 14 -18.13 32.65 -20.02
CA ILE D 14 -18.48 31.32 -19.59
C ILE D 14 -17.47 30.86 -18.55
N PHE D 15 -17.94 30.46 -17.37
CA PHE D 15 -17.10 29.92 -16.33
C PHE D 15 -17.19 28.40 -16.38
N THR D 16 -16.11 27.75 -16.79
CA THR D 16 -16.05 26.30 -16.83
C THR D 16 -14.62 25.86 -16.55
N ASP D 17 -14.45 24.54 -16.47
CA ASP D 17 -13.13 23.96 -16.22
C ASP D 17 -12.91 22.80 -17.19
N ALA D 18 -11.65 22.38 -17.28
CA ALA D 18 -11.28 21.29 -18.17
C ALA D 18 -9.98 20.68 -17.66
N LYS D 19 -9.58 19.59 -18.30
CA LYS D 19 -8.32 18.94 -17.99
C LYS D 19 -7.21 19.52 -18.84
N GLU D 20 -5.99 19.55 -18.28
CA GLU D 20 -4.85 20.05 -19.03
C GLU D 20 -4.58 19.23 -20.27
N SER D 21 -4.91 17.94 -20.25
CA SER D 21 -4.72 17.06 -21.40
C SER D 21 -5.85 17.17 -22.42
N SER D 22 -6.96 17.84 -22.08
CA SER D 22 -8.03 18.03 -23.04
C SER D 22 -7.61 19.02 -24.14
N THR D 23 -8.11 18.80 -25.34
CA THR D 23 -7.68 19.58 -26.49
C THR D 23 -8.61 20.77 -26.73
N VAL D 24 -8.17 21.66 -27.61
CA VAL D 24 -8.95 22.85 -27.94
C VAL D 24 -10.26 22.47 -28.63
N PHE D 25 -10.25 21.39 -29.41
CA PHE D 25 -11.49 20.93 -30.03
C PHE D 25 -12.50 20.47 -28.98
N GLU D 26 -12.03 19.72 -27.99
CA GLU D 26 -12.92 19.30 -26.91
C GLU D 26 -13.48 20.50 -26.15
N LEU D 27 -12.69 21.56 -26.01
CA LEU D 27 -13.21 22.78 -25.42
C LEU D 27 -14.22 23.46 -26.32
N LYS D 28 -14.04 23.34 -27.64
CA LYS D 28 -15.03 23.88 -28.57
C LYS D 28 -16.35 23.12 -28.49
N ARG D 29 -16.30 21.84 -28.14
CA ARG D 29 -17.52 21.07 -27.94
C ARG D 29 -18.25 21.51 -26.67
N ILE D 30 -17.52 22.04 -25.70
CA ILE D 30 -18.15 22.53 -24.48
C ILE D 30 -18.91 23.82 -24.75
N VAL D 31 -18.32 24.73 -25.53
CA VAL D 31 -19.00 25.97 -25.88
C VAL D 31 -20.21 25.69 -26.77
N GLU D 32 -20.19 24.58 -27.50
CA GLU D 32 -21.31 24.24 -28.37
C GLU D 32 -22.58 23.96 -27.57
N GLY D 33 -22.46 23.20 -26.49
CA GLY D 33 -23.61 22.87 -25.66
C GLY D 33 -24.17 24.01 -24.85
N ILE D 34 -23.44 25.13 -24.78
CA ILE D 34 -23.85 26.31 -24.02
C ILE D 34 -24.35 27.41 -24.96
N LEU D 35 -23.50 27.84 -25.90
CA LEU D 35 -23.87 28.90 -26.84
C LEU D 35 -24.41 28.31 -28.15
N PRO D 39 -18.54 23.60 -33.67
CA PRO D 39 -17.11 23.83 -33.47
C PRO D 39 -16.44 24.53 -34.66
N ASP D 40 -16.85 24.15 -35.87
CA ASP D 40 -16.26 24.75 -37.07
C ASP D 40 -16.60 26.23 -37.19
N GLU D 41 -17.62 26.70 -36.49
CA GLU D 41 -17.95 28.12 -36.43
C GLU D 41 -17.32 28.81 -35.23
N GLN D 42 -16.31 28.20 -34.62
CA GLN D 42 -15.67 28.72 -33.43
C GLN D 42 -14.19 28.97 -33.70
N ARG D 43 -13.63 29.94 -32.97
CA ARG D 43 -12.21 30.25 -33.03
C ARG D 43 -11.75 30.63 -31.63
N LEU D 44 -11.02 29.73 -30.99
CA LEU D 44 -10.54 29.96 -29.63
C LEU D 44 -9.16 30.60 -29.66
N TYR D 45 -8.95 31.56 -28.77
CA TYR D 45 -7.73 32.36 -28.74
C TYR D 45 -7.11 32.34 -27.36
N LYS D 46 -5.79 32.47 -27.32
CA LYS D 46 -5.06 32.83 -26.10
C LYS D 46 -4.39 34.17 -26.37
N ASP D 47 -4.87 35.21 -25.71
CA ASP D 47 -4.51 36.59 -26.04
C ASP D 47 -4.83 36.85 -27.51
N ASP D 48 -3.82 36.97 -28.35
CA ASP D 48 -4.01 37.18 -29.77
C ASP D 48 -3.69 35.96 -30.62
N GLN D 49 -3.16 34.90 -30.03
CA GLN D 49 -2.77 33.71 -30.77
C GLN D 49 -3.97 32.79 -30.99
N LEU D 50 -4.10 32.28 -32.22
CA LEU D 50 -5.17 31.35 -32.55
C LEU D 50 -4.79 29.93 -32.14
N LEU D 51 -5.72 29.24 -31.48
CA LEU D 51 -5.47 27.90 -30.96
C LEU D 51 -5.89 26.86 -31.99
N ASP D 52 -5.02 25.88 -32.24
CA ASP D 52 -5.34 24.78 -33.14
C ASP D 52 -6.14 23.71 -32.41
N ASP D 53 -7.06 23.09 -33.14
CA ASP D 53 -7.99 22.14 -32.52
C ASP D 53 -7.26 20.94 -31.93
N GLY D 54 -6.23 20.44 -32.62
CA GLY D 54 -5.53 19.25 -32.17
C GLY D 54 -4.63 19.46 -30.97
N LYS D 55 -4.35 20.71 -30.61
CA LYS D 55 -3.44 20.98 -29.51
C LYS D 55 -4.18 20.90 -28.17
N THR D 56 -3.43 20.52 -27.13
CA THR D 56 -4.00 20.40 -25.80
C THR D 56 -3.91 21.74 -25.06
N LEU D 57 -4.69 21.85 -23.99
CA LEU D 57 -4.72 23.09 -23.22
C LEU D 57 -3.37 23.36 -22.55
N GLY D 58 -2.72 22.31 -22.04
CA GLY D 58 -1.42 22.49 -21.44
C GLY D 58 -0.36 22.91 -22.44
N GLU D 59 -0.46 22.44 -23.67
CA GLU D 59 0.44 22.86 -24.74
C GLU D 59 0.29 24.35 -25.01
N GLY D 61 -0.41 26.58 -22.89
CA GLY D 61 -0.04 27.36 -21.73
C GLY D 61 -1.12 27.52 -20.68
N PHE D 62 -2.17 26.72 -20.79
CA PHE D 62 -3.23 26.70 -19.79
C PHE D 62 -2.87 25.62 -18.77
N THR D 63 -2.25 26.05 -17.68
CA THR D 63 -1.74 25.14 -16.65
C THR D 63 -2.54 25.29 -15.36
N SER D 64 -2.46 24.26 -14.52
CA SER D 64 -3.23 24.23 -13.27
C SER D 64 -2.89 25.41 -12.38
N GLN D 65 -1.61 25.79 -12.34
CA GLN D 65 -1.15 26.83 -11.42
C GLN D 65 -1.31 28.24 -11.99
N THR D 66 -1.70 28.38 -13.25
CA THR D 66 -2.05 29.69 -13.81
C THR D 66 -3.54 29.84 -14.10
N ALA D 67 -4.24 28.75 -14.35
CA ALA D 67 -5.69 28.79 -14.51
C ALA D 67 -6.37 28.27 -13.23
N ARG D 68 -6.32 29.13 -12.21
CA ARG D 68 -6.74 28.79 -10.86
C ARG D 68 -8.24 29.01 -10.67
N PRO D 69 -8.86 28.34 -9.69
CA PRO D 69 -10.30 28.55 -9.47
C PRO D 69 -10.64 29.99 -9.10
N GLN D 70 -9.89 30.56 -8.16
CA GLN D 70 -10.09 31.95 -7.75
C GLN D 70 -9.45 32.95 -8.71
N ALA D 71 -8.87 32.48 -9.81
CA ALA D 71 -8.25 33.36 -10.79
C ALA D 71 -8.11 32.62 -12.11
N PRO D 72 -9.21 32.40 -12.83
CA PRO D 72 -9.17 31.59 -14.05
C PRO D 72 -8.49 32.33 -15.19
N ALA D 73 -8.06 31.54 -16.18
CA ALA D 73 -7.43 32.07 -17.38
C ALA D 73 -8.49 32.40 -18.42
N THR D 74 -8.24 33.46 -19.18
CA THR D 74 -9.18 33.93 -20.19
C THR D 74 -8.89 33.27 -21.53
N VAL D 75 -9.94 32.74 -22.15
CA VAL D 75 -9.86 32.15 -23.49
C VAL D 75 -10.76 32.95 -24.41
N GLY D 76 -10.18 33.52 -25.46
CA GLY D 76 -10.97 34.30 -26.40
C GLY D 76 -11.83 33.42 -27.28
N LEU D 77 -12.96 33.98 -27.73
CA LEU D 77 -13.88 33.25 -28.59
C LEU D 77 -14.54 34.19 -29.60
N ALA D 87 -13.77 39.42 -36.06
CA ALA D 87 -12.62 39.87 -35.28
C ALA D 87 -12.83 39.58 -33.79
N LEU D 88 -11.74 39.24 -33.11
CA LEU D 88 -11.80 38.91 -31.68
C LEU D 88 -12.12 40.16 -30.86
N ILE D 90 -13.50 41.40 -26.99
CA ILE D 90 -13.83 41.13 -25.61
C ILE D 90 -14.10 42.45 -24.90
N GLU D 91 -15.34 42.65 -24.48
CA GLU D 91 -15.69 43.88 -23.77
C GLU D 91 -15.14 43.82 -22.35
N PRO D 92 -14.39 44.82 -21.92
CA PRO D 92 -13.84 44.79 -20.57
C PRO D 92 -14.92 44.98 -19.52
N PHE D 93 -14.65 44.45 -18.33
CA PHE D 93 -15.56 44.64 -17.20
C PHE D 93 -15.55 46.11 -16.76
N SER D 94 -16.51 46.45 -15.90
CA SER D 94 -16.64 47.82 -15.44
C SER D 94 -15.42 48.23 -14.60
N SER D 95 -15.26 49.53 -14.40
CA SER D 95 -14.12 49.98 -13.63
C SER D 95 -14.54 50.37 -12.23
N PRO D 96 -13.72 50.06 -11.22
CA PRO D 96 -14.10 50.36 -9.84
C PRO D 96 -13.91 51.83 -9.53
N PRO D 97 -14.62 52.35 -8.54
CA PRO D 97 -14.45 53.76 -8.16
C PRO D 97 -13.15 53.97 -7.39
N GLU D 98 -12.83 55.23 -7.18
CA GLU D 98 -11.65 55.58 -6.39
C GLU D 98 -11.84 55.12 -4.94
N LEU D 99 -10.73 54.80 -4.30
CA LEU D 99 -10.78 54.37 -2.91
C LEU D 99 -11.19 55.52 -2.01
N PRO D 100 -12.04 55.28 -1.02
CA PRO D 100 -12.43 56.35 -0.10
C PRO D 100 -11.26 56.81 0.74
N ASP D 101 -11.37 58.04 1.24
CA ASP D 101 -10.37 58.57 2.17
C ASP D 101 -10.21 57.67 3.38
N VAL D 102 -11.27 56.96 3.75
CA VAL D 102 -11.22 56.09 4.91
C VAL D 102 -10.38 54.85 4.63
N MET D 103 -10.29 54.44 3.36
CA MET D 103 -9.48 53.29 2.98
C MET D 103 -8.11 53.73 2.49
N TYR E 3 -26.54 24.83 -16.85
CA TYR E 3 -25.97 26.18 -16.80
C TYR E 3 -27.05 27.24 -16.63
N VAL E 4 -26.77 28.22 -15.76
CA VAL E 4 -27.63 29.39 -15.63
C VAL E 4 -26.87 30.60 -16.13
N LYS E 5 -27.51 31.77 -16.09
CA LYS E 5 -26.90 32.99 -16.62
C LYS E 5 -27.19 34.15 -15.69
N LEU E 6 -26.14 34.89 -15.32
CA LEU E 6 -26.25 36.01 -14.38
C LEU E 6 -25.72 37.27 -15.05
N ILE E 7 -26.62 38.22 -15.28
CA ILE E 7 -26.30 39.47 -15.98
C ILE E 7 -26.05 40.55 -14.94
N SER E 8 -24.99 41.34 -15.14
CA SER E 8 -24.64 42.41 -14.23
C SER E 8 -25.45 43.66 -14.59
N SER E 9 -25.17 44.77 -13.90
CA SER E 9 -25.89 46.02 -14.15
C SER E 9 -25.49 46.70 -15.45
N ASP E 10 -24.35 46.34 -16.05
CA ASP E 10 -23.88 46.96 -17.27
C ASP E 10 -23.98 46.05 -18.48
N GLY E 11 -24.71 44.93 -18.37
CA GLY E 11 -25.01 44.08 -19.50
C GLY E 11 -24.13 42.86 -19.66
N HIS E 12 -23.08 42.72 -18.85
CA HIS E 12 -22.20 41.56 -18.97
C HIS E 12 -22.94 40.29 -18.55
N GLU E 13 -22.93 39.29 -19.43
CA GLU E 13 -23.68 38.06 -19.22
C GLU E 13 -22.72 36.95 -18.82
N PHE E 14 -22.75 36.57 -17.54
CA PHE E 14 -21.90 35.51 -17.00
C PHE E 14 -22.67 34.20 -16.96
N ILE E 15 -22.10 33.16 -17.54
CA ILE E 15 -22.71 31.84 -17.58
C ILE E 15 -21.94 30.92 -16.64
N VAL E 16 -22.61 30.40 -15.63
CA VAL E 16 -22.00 29.50 -14.65
C VAL E 16 -22.86 28.25 -14.53
N LYS E 17 -22.29 27.22 -13.92
CA LYS E 17 -23.03 25.99 -13.66
C LYS E 17 -24.19 26.27 -12.71
N ARG E 18 -25.26 25.49 -12.85
CA ARG E 18 -26.42 25.68 -12.00
C ARG E 18 -26.08 25.40 -10.54
N GLU E 19 -25.41 24.27 -10.28
CA GLU E 19 -25.06 23.91 -8.90
C GLU E 19 -24.18 24.97 -8.25
N HIS E 20 -23.34 25.65 -9.03
CA HIS E 20 -22.53 26.73 -8.47
C HIS E 20 -23.37 27.93 -8.09
N ALA E 21 -24.35 28.28 -8.94
CA ALA E 21 -25.20 29.42 -8.65
C ALA E 21 -26.19 29.14 -7.52
N LEU E 22 -26.52 27.88 -7.26
CA LEU E 22 -27.41 27.55 -6.17
C LEU E 22 -26.74 27.68 -4.80
N THR E 23 -25.45 28.01 -4.77
CA THR E 23 -24.78 28.31 -3.51
C THR E 23 -25.50 29.40 -2.74
N SER E 24 -25.88 30.47 -3.43
CA SER E 24 -26.63 31.56 -2.82
C SER E 24 -28.12 31.23 -2.86
N GLY E 25 -28.75 31.17 -1.68
CA GLY E 25 -30.19 31.00 -1.60
C GLY E 25 -30.96 32.13 -2.23
N THR E 26 -30.38 33.33 -2.30
CA THR E 26 -31.04 34.46 -2.96
C THR E 26 -31.20 34.20 -4.45
N ILE E 27 -30.13 33.75 -5.11
CA ILE E 27 -30.20 33.45 -6.54
C ILE E 27 -31.19 32.31 -6.79
N LYS E 28 -31.18 31.30 -5.92
CA LYS E 28 -32.13 30.19 -6.06
C LYS E 28 -33.57 30.68 -6.00
N ALA E 29 -33.84 31.73 -5.21
CA ALA E 29 -35.19 32.29 -5.16
C ALA E 29 -35.55 32.98 -6.47
N MET E 30 -34.63 33.76 -7.03
CA MET E 30 -34.87 34.43 -8.30
C MET E 30 -34.88 33.45 -9.48
N LEU E 31 -34.50 32.19 -9.26
CA LEU E 31 -34.56 31.18 -10.31
C LEU E 31 -35.90 30.44 -10.26
N ASN E 43 -34.02 30.82 -17.40
CA ASN E 43 -33.15 30.72 -16.24
C ASN E 43 -32.05 31.78 -16.28
N GLU E 44 -32.46 33.05 -16.27
CA GLU E 44 -31.54 34.18 -16.23
C GLU E 44 -31.92 35.09 -15.08
N VAL E 45 -30.91 35.70 -14.46
CA VAL E 45 -31.10 36.65 -13.36
C VAL E 45 -30.38 37.93 -13.72
N ASN E 46 -31.07 39.07 -13.52
CA ASN E 46 -30.50 40.39 -13.75
C ASN E 46 -30.25 41.05 -12.40
N PHE E 47 -29.07 41.66 -12.25
CA PHE E 47 -28.66 42.30 -11.01
C PHE E 47 -28.50 43.79 -11.28
N ARG E 48 -29.51 44.57 -10.90
CA ARG E 48 -29.50 46.01 -11.18
C ARG E 48 -28.41 46.74 -10.41
N GLU E 49 -27.95 46.18 -9.29
CA GLU E 49 -27.05 46.90 -8.39
C GLU E 49 -25.61 46.39 -8.42
N ILE E 50 -25.34 45.27 -9.08
CA ILE E 50 -24.01 44.67 -9.07
C ILE E 50 -23.41 44.82 -10.47
N PRO E 51 -22.34 45.60 -10.64
CA PRO E 51 -21.71 45.72 -11.96
C PRO E 51 -20.93 44.48 -12.36
N SER E 52 -20.13 44.59 -13.43
CA SER E 52 -19.39 43.44 -13.93
C SER E 52 -18.10 43.19 -13.18
N HIS E 53 -17.45 44.24 -12.67
CA HIS E 53 -16.24 44.06 -11.88
C HIS E 53 -16.53 43.51 -10.49
N VAL E 54 -17.80 43.25 -10.16
CA VAL E 54 -18.18 42.61 -8.92
C VAL E 54 -18.81 41.25 -9.17
N LEU E 55 -19.65 41.13 -10.20
CA LEU E 55 -20.28 39.85 -10.50
C LEU E 55 -19.28 38.83 -11.04
N SER E 56 -18.21 39.30 -11.69
CA SER E 56 -17.17 38.38 -12.12
C SER E 56 -16.44 37.76 -10.94
N LYS E 57 -16.18 38.58 -9.90
CA LYS E 57 -15.58 38.05 -8.68
C LYS E 57 -16.52 37.06 -8.00
N VAL E 58 -17.82 37.33 -8.04
CA VAL E 58 -18.79 36.43 -7.43
C VAL E 58 -18.75 35.06 -8.09
N CYS E 59 -18.74 35.03 -9.42
CA CYS E 59 -18.64 33.76 -10.13
C CYS E 59 -17.30 33.08 -9.86
N MET E 60 -16.24 33.85 -9.66
CA MET E 60 -14.95 33.27 -9.32
C MET E 60 -14.98 32.64 -7.92
N TYR E 61 -15.73 33.23 -6.99
CA TYR E 61 -15.90 32.61 -5.69
C TYR E 61 -16.68 31.30 -5.81
N PHE E 62 -17.65 31.24 -6.72
CA PHE E 62 -18.39 30.00 -6.93
C PHE E 62 -17.45 28.85 -7.25
N THR E 63 -16.56 29.04 -8.22
CA THR E 63 -15.59 28.01 -8.56
C THR E 63 -14.63 27.77 -7.40
N TYR E 64 -14.26 28.84 -6.68
CA TYR E 64 -13.32 28.70 -5.57
C TYR E 64 -13.93 27.88 -4.43
N LYS E 65 -15.23 28.06 -4.18
CA LYS E 65 -15.87 27.36 -3.07
C LYS E 65 -16.06 25.88 -3.39
N VAL E 66 -16.64 25.56 -4.54
CA VAL E 66 -16.92 24.17 -4.88
C VAL E 66 -15.62 23.37 -5.01
N ARG E 67 -14.51 24.05 -5.30
CA ARG E 67 -13.25 23.33 -5.52
C ARG E 67 -12.54 23.04 -4.21
N TYR E 68 -12.61 23.95 -3.23
CA TYR E 68 -11.81 23.84 -2.03
C TYR E 68 -12.61 23.52 -0.77
N THR E 69 -13.92 23.30 -0.87
CA THR E 69 -14.70 22.89 0.29
C THR E 69 -14.49 21.39 0.52
N ASN E 70 -14.04 21.03 1.72
CA ASN E 70 -13.61 19.68 2.04
C ASN E 70 -12.54 19.25 1.03
N SER E 71 -11.32 19.75 1.21
CA SER E 71 -10.29 19.66 0.18
C SER E 71 -9.03 18.91 0.59
N SER E 72 -8.71 18.87 1.89
CA SER E 72 -7.49 18.23 2.40
C SER E 72 -6.22 18.95 1.96
N THR E 73 -6.11 19.27 0.67
CA THR E 73 -4.95 20.01 0.19
C THR E 73 -4.97 21.44 0.75
N GLU E 74 -3.84 22.11 0.61
CA GLU E 74 -3.74 23.50 1.07
C GLU E 74 -4.71 24.38 0.29
N ILE E 75 -5.38 25.27 1.02
CA ILE E 75 -6.36 26.19 0.43
C ILE E 75 -5.69 27.55 0.25
N PRO E 76 -5.70 28.11 -0.95
CA PRO E 76 -5.17 29.47 -1.14
C PRO E 76 -6.17 30.52 -0.70
N GLU E 77 -5.64 31.70 -0.42
CA GLU E 77 -6.48 32.82 -0.01
C GLU E 77 -7.30 33.33 -1.18
N PHE E 78 -8.54 33.74 -0.90
CA PHE E 78 -9.37 34.34 -1.93
C PHE E 78 -8.99 35.82 -2.09
N PRO E 79 -8.45 36.21 -3.24
CA PRO E 79 -7.95 37.58 -3.39
C PRO E 79 -9.09 38.56 -3.67
N ILE E 80 -9.10 39.67 -2.93
CA ILE E 80 -10.06 40.75 -3.14
C ILE E 80 -9.28 42.04 -3.17
N ALA E 81 -9.24 42.70 -4.32
CA ALA E 81 -8.57 43.99 -4.42
C ALA E 81 -9.28 45.01 -3.53
N PRO E 82 -8.55 45.91 -2.89
CA PRO E 82 -9.21 46.91 -2.02
C PRO E 82 -10.16 47.82 -2.76
N GLU E 83 -10.02 47.96 -4.07
CA GLU E 83 -10.88 48.86 -4.84
C GLU E 83 -12.28 48.29 -5.04
N ILE E 84 -12.43 46.98 -4.92
CA ILE E 84 -13.72 46.31 -5.11
C ILE E 84 -14.23 45.69 -3.82
N ALA E 85 -13.56 45.95 -2.69
CA ALA E 85 -13.93 45.29 -1.44
C ALA E 85 -15.30 45.76 -0.95
N LEU E 86 -15.53 47.07 -0.96
CA LEU E 86 -16.78 47.60 -0.43
C LEU E 86 -17.97 47.12 -1.25
N GLU E 87 -17.87 47.16 -2.57
CA GLU E 87 -18.97 46.72 -3.42
C GLU E 87 -19.20 45.22 -3.29
N LEU E 88 -18.13 44.42 -3.30
CA LEU E 88 -18.27 42.98 -3.18
C LEU E 88 -18.91 42.60 -1.85
N LEU E 89 -18.64 43.37 -0.79
CA LEU E 89 -19.26 43.10 0.50
C LEU E 89 -20.78 43.24 0.42
N MET E 90 -21.24 44.33 -0.20
CA MET E 90 -22.68 44.55 -0.33
C MET E 90 -23.32 43.48 -1.22
N ALA E 91 -22.61 43.06 -2.26
CA ALA E 91 -23.13 41.99 -3.12
C ALA E 91 -23.17 40.66 -2.38
N ALA E 92 -22.16 40.41 -1.53
CA ALA E 92 -22.15 39.18 -0.73
C ALA E 92 -23.16 39.25 0.40
N ASN E 93 -23.40 40.45 0.94
CA ASN E 93 -24.42 40.61 1.98
C ASN E 93 -25.81 40.43 1.41
N PHE E 94 -26.05 40.90 0.18
CA PHE E 94 -27.37 40.78 -0.43
C PHE E 94 -27.64 39.34 -0.88
N LEU E 95 -26.62 38.66 -1.41
CA LEU E 95 -26.79 37.31 -1.93
C LEU E 95 -26.62 36.23 -0.87
N ASP E 96 -26.13 36.58 0.31
CA ASP E 96 -25.95 35.63 1.42
C ASP E 96 -25.05 34.45 1.01
N CYS E 97 -23.91 34.78 0.42
CA CYS E 97 -22.96 33.74 0.02
C CYS E 97 -21.58 34.01 0.63
N LEU F 12 -16.10 23.26 27.67
CA LEU F 12 -14.90 23.05 26.86
C LEU F 12 -13.64 23.28 27.67
N ARG F 13 -13.03 22.20 28.13
CA ARG F 13 -11.81 22.27 28.93
C ARG F 13 -10.94 21.06 28.62
N SER F 14 -9.65 21.19 28.91
CA SER F 14 -8.72 20.11 28.68
C SER F 14 -8.89 19.01 29.72
N VAL F 15 -8.77 17.76 29.27
CA VAL F 15 -8.81 16.61 30.18
C VAL F 15 -7.43 16.43 30.77
N ASN F 16 -7.34 16.48 32.11
CA ASN F 16 -6.07 16.35 32.82
C ASN F 16 -5.66 14.87 32.87
N SER F 17 -5.28 14.35 31.70
CA SER F 17 -4.93 12.95 31.57
C SER F 17 -3.48 12.67 31.93
N ARG F 18 -2.60 13.66 31.81
CA ARG F 18 -1.16 13.49 32.04
C ARG F 18 -0.58 12.39 31.16
N GLU F 19 -1.19 12.18 30.00
CA GLU F 19 -0.74 11.19 29.03
C GLU F 19 -0.06 11.91 27.87
N PRO F 20 1.28 11.93 27.81
CA PRO F 20 1.95 12.75 26.80
C PRO F 20 1.62 12.33 25.38
N SER F 21 1.45 13.33 24.52
CA SER F 21 1.15 13.11 23.10
C SER F 21 1.96 14.09 22.27
N GLN F 22 2.70 13.58 21.30
CA GLN F 22 3.56 14.39 20.45
C GLN F 22 2.77 14.96 19.28
N VAL F 23 2.87 16.27 19.08
CA VAL F 23 2.07 16.98 18.08
C VAL F 23 3.00 17.89 17.28
N ILE F 24 2.75 17.97 15.97
CA ILE F 24 3.46 18.87 15.07
C ILE F 24 2.45 19.89 14.56
N PHE F 25 2.64 21.16 14.93
CA PHE F 25 1.82 22.24 14.40
C PHE F 25 2.30 22.59 13.00
N ASN F 27 1.60 24.99 9.90
CA ASN F 27 0.92 26.17 9.38
C ASN F 27 0.89 26.16 7.85
N ARG F 28 -0.15 25.55 7.28
CA ARG F 28 -0.36 25.54 5.82
C ARG F 28 -1.32 26.65 5.40
N SER F 29 -1.07 27.86 5.87
CA SER F 29 -1.90 29.02 5.59
C SER F 29 -0.99 30.23 5.40
N PRO F 30 -1.45 31.24 4.65
CA PRO F 30 -0.66 32.46 4.48
C PRO F 30 -0.71 33.41 5.67
N ARG F 31 -1.29 32.99 6.80
CA ARG F 31 -1.43 33.86 7.97
C ARG F 31 -0.45 33.46 9.06
N VAL F 32 -0.17 34.43 9.93
CA VAL F 32 0.52 34.15 11.19
C VAL F 32 -0.46 33.46 12.11
N VAL F 33 -0.16 32.20 12.46
CA VAL F 33 -1.08 31.36 13.23
C VAL F 33 -0.76 31.50 14.71
N LEU F 34 -1.78 31.84 15.50
CA LEU F 34 -1.64 31.86 16.95
C LEU F 34 -2.30 30.62 17.53
N PRO F 35 -1.54 29.69 18.12
CA PRO F 35 -2.18 28.52 18.75
C PRO F 35 -2.78 28.90 20.09
N VAL F 36 -3.95 28.31 20.39
CA VAL F 36 -4.69 28.61 21.60
C VAL F 36 -5.04 27.29 22.28
N TRP F 37 -4.51 27.11 23.49
CA TRP F 37 -4.81 25.93 24.30
C TRP F 37 -5.87 26.29 25.34
N LEU F 38 -6.88 25.44 25.46
CA LEU F 38 -7.91 25.62 26.48
C LEU F 38 -7.47 24.88 27.74
N ASN F 39 -7.16 25.63 28.80
CA ASN F 39 -6.65 25.00 30.01
C ASN F 39 -7.75 24.22 30.72
N PHE F 40 -7.40 23.66 31.88
CA PHE F 40 -8.34 22.82 32.61
C PHE F 40 -9.52 23.60 33.16
N ASP F 41 -9.41 24.92 33.29
CA ASP F 41 -10.52 25.76 33.71
C ASP F 41 -11.31 26.34 32.53
N GLY F 42 -10.86 26.11 31.30
CA GLY F 42 -11.55 26.59 30.12
C GLY F 42 -11.07 27.93 29.60
N GLU F 43 -10.08 28.54 30.23
CA GLU F 43 -9.58 29.83 29.77
C GLU F 43 -8.65 29.63 28.56
N PRO F 44 -8.85 30.36 27.47
CA PRO F 44 -7.96 30.21 26.31
C PRO F 44 -6.55 30.69 26.65
N GLN F 45 -5.56 29.87 26.35
CA GLN F 45 -4.17 30.19 26.63
C GLN F 45 -3.39 30.32 25.34
N PRO F 46 -2.87 31.49 25.01
CA PRO F 46 -2.10 31.65 23.76
C PRO F 46 -0.70 31.08 23.87
N TYR F 47 -0.16 30.69 22.73
CA TYR F 47 1.16 30.10 22.60
C TYR F 47 1.93 30.83 21.51
N PRO F 48 3.25 30.68 21.46
CA PRO F 48 4.04 31.42 20.46
C PRO F 48 3.56 31.16 19.04
N THR F 49 3.54 32.24 18.25
CA THR F 49 2.90 32.21 16.94
C THR F 49 3.73 31.43 15.93
N LEU F 50 3.07 31.04 14.83
CA LEU F 50 3.69 30.28 13.76
C LEU F 50 3.67 31.10 12.48
N PRO F 51 4.83 31.43 11.91
CA PRO F 51 4.84 32.14 10.62
C PRO F 51 4.26 31.26 9.53
N PRO F 52 3.82 31.86 8.42
CA PRO F 52 3.24 31.05 7.33
C PRO F 52 4.24 30.04 6.78
N GLY F 53 3.77 28.81 6.59
CA GLY F 53 4.59 27.78 5.98
C GLY F 53 5.64 27.19 6.88
N THR F 54 5.53 27.35 8.19
CA THR F 54 6.49 26.83 9.14
C THR F 54 5.86 25.75 10.01
N GLY F 55 6.72 25.01 10.71
CA GLY F 55 6.27 23.95 11.60
C GLY F 55 6.90 24.11 12.97
N ARG F 56 6.36 23.35 13.92
CA ARG F 56 6.88 23.36 15.29
C ARG F 56 6.46 22.07 15.98
N ARG F 57 7.41 21.43 16.65
CA ARG F 57 7.15 20.24 17.45
C ARG F 57 6.80 20.68 18.87
N ILE F 58 5.61 20.31 19.34
CA ILE F 58 5.14 20.72 20.65
C ILE F 58 4.79 19.48 21.47
N HIS F 59 4.94 19.61 22.79
CA HIS F 59 4.65 18.53 23.73
C HIS F 59 3.27 18.77 24.33
N SER F 60 2.32 17.91 24.01
CA SER F 60 0.96 18.03 24.52
C SER F 60 0.57 16.76 25.27
N TYR F 61 -0.72 16.66 25.58
CA TYR F 61 -1.25 15.52 26.32
C TYR F 61 -2.58 15.12 25.69
N ARG F 62 -2.90 13.83 25.80
CA ARG F 62 -4.13 13.32 25.21
C ARG F 62 -5.34 13.90 25.91
N GLY F 63 -6.33 14.31 25.13
CA GLY F 63 -7.54 14.91 25.65
C GLY F 63 -7.54 16.43 25.71
N HIS F 64 -6.40 17.06 25.42
CA HIS F 64 -6.33 18.52 25.48
C HIS F 64 -6.99 19.15 24.27
N LEU F 65 -7.38 20.41 24.42
CA LEU F 65 -8.15 21.14 23.40
C LEU F 65 -7.30 22.27 22.85
N TRP F 66 -7.10 22.28 21.54
CA TRP F 66 -6.37 23.33 20.85
C TRP F 66 -7.24 23.95 19.77
N LEU F 67 -7.09 25.26 19.56
CA LEU F 67 -7.70 25.95 18.44
C LEU F 67 -6.70 26.98 17.92
N PHE F 68 -6.86 27.34 16.65
CA PHE F 68 -5.88 28.18 15.97
C PHE F 68 -6.57 29.33 15.25
N ARG F 69 -5.98 30.52 15.39
CA ARG F 69 -6.54 31.73 14.80
C ARG F 69 -5.42 32.54 14.15
N ASP F 70 -5.83 33.49 13.32
CA ASP F 70 -4.90 34.50 12.82
C ASP F 70 -4.37 35.30 14.00
N ALA F 71 -3.05 35.50 14.03
CA ALA F 71 -2.44 36.16 15.18
C ALA F 71 -2.77 37.64 15.24
N GLY F 72 -3.02 38.26 14.09
CA GLY F 72 -3.31 39.69 14.07
C GLY F 72 -4.79 40.02 14.09
N THR F 73 -5.59 39.25 13.37
CA THR F 73 -7.01 39.55 13.20
C THR F 73 -7.94 38.59 13.92
N HIS F 74 -7.42 37.48 14.46
CA HIS F 74 -8.21 36.48 15.18
C HIS F 74 -9.24 35.79 14.27
N ASP F 75 -9.04 35.84 12.95
CA ASP F 75 -9.89 35.10 12.04
C ASP F 75 -9.80 33.61 12.33
N GLY F 76 -10.92 32.91 12.13
CA GLY F 76 -10.94 31.48 12.39
C GLY F 76 -10.07 30.71 11.42
N LEU F 77 -9.56 29.57 11.89
CA LEU F 77 -8.74 28.70 11.08
C LEU F 77 -9.09 27.25 11.38
N LEU F 78 -8.86 26.39 10.39
CA LEU F 78 -9.13 24.97 10.51
C LEU F 78 -7.86 24.21 10.89
N VAL F 79 -8.02 23.14 11.66
CA VAL F 79 -6.94 22.22 11.97
C VAL F 79 -7.47 20.81 11.74
N ASN F 80 -6.89 20.12 10.76
CA ASN F 80 -7.40 18.83 10.30
C ASN F 80 -8.87 18.95 9.88
N GLN F 81 -9.17 20.00 9.13
CA GLN F 81 -10.49 20.24 8.54
C GLN F 81 -11.58 20.45 9.59
N THR F 82 -11.22 20.96 10.76
CA THR F 82 -12.21 21.21 11.80
C THR F 82 -11.72 22.33 12.71
N GLU F 83 -12.55 22.67 13.70
CA GLU F 83 -12.28 23.80 14.58
C GLU F 83 -11.39 23.43 15.77
N LEU F 84 -11.60 22.26 16.35
CA LEU F 84 -10.87 21.84 17.53
C LEU F 84 -9.86 20.75 17.18
N PHE F 85 -8.77 20.71 17.94
CA PHE F 85 -7.74 19.70 17.77
C PHE F 85 -7.50 19.02 19.10
N VAL F 86 -7.73 17.72 19.16
CA VAL F 86 -7.49 16.93 20.36
C VAL F 86 -6.38 15.93 20.08
N PRO F 87 -5.20 16.10 20.65
CA PRO F 87 -4.11 15.12 20.44
C PRO F 87 -4.54 13.73 20.88
N SER F 88 -4.37 12.75 19.98
CA SER F 88 -4.76 11.38 20.27
C SER F 88 -3.54 10.51 20.57
N LEU F 89 -3.67 9.21 20.31
CA LEU F 89 -2.58 8.28 20.60
C LEU F 89 -1.48 8.39 19.56
N ASN F 90 -0.23 8.26 20.01
CA ASN F 90 0.93 8.24 19.12
C ASN F 90 1.20 6.80 18.74
N VAL F 91 0.65 6.38 17.59
CA VAL F 91 0.82 5.01 17.14
C VAL F 91 2.26 4.80 16.67
N ASP F 92 2.94 3.80 17.24
CA ASP F 92 4.33 3.49 16.92
C ASP F 92 5.24 4.70 17.13
N GLY F 93 4.93 5.51 18.14
CA GLY F 93 5.75 6.66 18.46
C GLY F 93 5.73 7.77 17.44
N GLN F 94 4.75 7.76 16.52
CA GLN F 94 4.68 8.77 15.47
C GLN F 94 3.90 9.98 15.98
N PRO F 95 4.42 11.20 15.79
CA PRO F 95 3.71 12.37 16.29
C PRO F 95 2.48 12.69 15.45
N ILE F 96 1.48 13.26 16.10
CA ILE F 96 0.23 13.62 15.43
C ILE F 96 0.41 14.92 14.68
N PHE F 97 -0.07 14.98 13.44
CA PHE F 97 0.04 16.15 12.60
C PHE F 97 -1.18 17.05 12.78
N ALA F 98 -0.95 18.34 13.02
CA ALA F 98 -2.01 19.33 13.16
C ALA F 98 -1.98 20.22 11.91
N ASN F 99 -2.87 19.92 10.97
CA ASN F 99 -2.88 20.59 9.66
C ASN F 99 -3.69 21.88 9.77
N ILE F 100 -2.98 22.98 10.04
CA ILE F 100 -3.62 24.29 10.16
C ILE F 100 -3.70 24.90 8.77
N THR F 101 -4.92 24.99 8.24
CA THR F 101 -5.16 25.55 6.91
C THR F 101 -6.22 26.63 6.99
N LEU F 102 -6.34 27.40 5.90
CA LEU F 102 -7.43 28.35 5.79
C LEU F 102 -8.75 27.60 5.61
N PRO F 103 -9.83 28.13 6.16
CA PRO F 103 -11.16 27.62 5.82
C PRO F 103 -11.68 28.33 4.57
N VAL F 104 -12.75 27.76 4.02
CA VAL F 104 -13.47 28.44 2.94
C VAL F 104 -14.40 29.46 3.58
N TYR F 105 -13.89 30.66 3.84
CA TYR F 105 -14.72 31.72 4.36
C TYR F 105 -15.87 32.02 3.41
N THR F 106 -16.99 32.48 3.96
CA THR F 106 -18.04 33.02 3.11
C THR F 106 -17.50 34.26 2.39
N LEU F 107 -18.08 34.54 1.21
CA LEU F 107 -17.68 35.74 0.49
C LEU F 107 -17.91 36.98 1.33
N LYS F 108 -18.97 36.98 2.15
CA LYS F 108 -19.23 38.12 3.02
C LYS F 108 -18.16 38.25 4.10
N GLU F 109 -17.83 37.14 4.77
CA GLU F 109 -16.82 37.19 5.83
C GLU F 109 -15.44 37.51 5.26
N ARG F 110 -15.16 37.01 4.06
CA ARG F 110 -13.89 37.36 3.41
C ARG F 110 -13.83 38.84 3.06
N CYS F 111 -14.97 39.45 2.71
CA CYS F 111 -15.00 40.88 2.46
C CYS F 111 -14.84 41.67 3.75
N LEU F 112 -15.46 41.20 4.83
CA LEU F 112 -15.27 41.85 6.12
C LEU F 112 -13.82 41.83 6.54
N GLN F 113 -13.10 40.75 6.24
CA GLN F 113 -11.69 40.66 6.57
C GLN F 113 -10.87 41.71 5.80
N VAL F 114 -11.14 41.86 4.51
CA VAL F 114 -10.39 42.82 3.70
C VAL F 114 -10.72 44.25 4.11
N VAL F 115 -12.00 44.54 4.34
CA VAL F 115 -12.40 45.88 4.73
C VAL F 115 -11.84 46.23 6.11
N ARG F 116 -11.86 45.27 7.04
CA ARG F 116 -11.28 45.52 8.36
C ARG F 116 -9.79 45.83 8.26
N SER F 117 -9.10 45.19 7.31
CA SER F 117 -7.66 45.38 7.16
C SER F 117 -7.31 46.75 6.55
N LEU F 118 -8.28 47.45 5.98
CA LEU F 118 -8.04 48.77 5.41
C LEU F 118 -8.71 49.90 6.18
N VAL F 119 -9.88 49.63 6.76
CA VAL F 119 -10.65 50.63 7.50
C VAL F 119 -10.39 50.44 8.99
N LYS F 120 -10.11 51.55 9.68
CA LYS F 120 -9.85 51.44 11.10
C LYS F 120 -11.15 51.43 11.90
N PRO F 121 -11.16 50.79 13.07
CA PRO F 121 -12.44 50.61 13.79
C PRO F 121 -13.16 51.91 14.10
N GLU F 122 -12.44 52.97 14.44
CA GLU F 122 -13.04 54.27 14.69
C GLU F 122 -13.47 54.98 13.41
N ASN F 123 -13.35 54.31 12.27
CA ASN F 123 -13.69 54.88 10.97
C ASN F 123 -14.77 54.08 10.24
N TYR F 124 -15.33 53.05 10.88
CA TYR F 124 -16.26 52.15 10.19
C TYR F 124 -17.52 52.88 9.76
N ARG F 125 -18.00 53.81 10.59
CA ARG F 125 -19.26 54.49 10.31
C ARG F 125 -19.18 55.46 9.15
N ARG F 126 -17.98 55.75 8.64
CA ARG F 126 -17.81 56.68 7.52
C ARG F 126 -17.95 55.99 6.17
N LEU F 127 -18.22 54.70 6.13
CA LEU F 127 -18.38 53.97 4.89
C LEU F 127 -19.84 53.98 4.46
N ASP F 128 -20.07 54.22 3.16
CA ASP F 128 -21.42 54.32 2.61
C ASP F 128 -21.98 52.92 2.39
N ILE F 129 -22.46 52.32 3.50
CA ILE F 129 -23.05 50.99 3.50
C ILE F 129 -24.20 50.99 4.49
N VAL F 130 -25.03 49.94 4.39
CA VAL F 130 -26.20 49.84 5.25
C VAL F 130 -25.78 49.72 6.72
N ARG F 131 -26.71 50.02 7.61
CA ARG F 131 -26.41 50.00 9.04
C ARG F 131 -26.10 48.60 9.55
N SER F 132 -26.69 47.57 8.93
CA SER F 132 -26.44 46.21 9.36
C SER F 132 -25.00 45.79 9.09
N LEU F 133 -24.40 46.31 8.01
CA LEU F 133 -23.01 46.01 7.72
C LEU F 133 -22.05 46.69 8.69
N TYR F 134 -22.47 47.78 9.34
CA TYR F 134 -21.65 48.40 10.37
C TYR F 134 -21.47 47.46 11.55
N GLU F 135 -22.56 46.85 12.03
CA GLU F 135 -22.47 45.91 13.12
C GLU F 135 -21.73 44.63 12.72
N ASP F 136 -21.71 44.30 11.43
CA ASP F 136 -20.93 43.15 10.98
C ASP F 136 -19.43 43.43 11.04
N LEU F 137 -19.03 44.65 10.67
CA LEU F 137 -17.63 45.03 10.75
C LEU F 137 -17.18 45.15 12.21
N GLU F 138 -18.04 45.72 13.07
CA GLU F 138 -17.70 45.86 14.47
C GLU F 138 -17.68 44.53 15.21
N ASP F 139 -18.40 43.53 14.71
CA ASP F 139 -18.40 42.20 15.31
C ASP F 139 -17.17 41.43 14.84
N HIS F 140 -16.02 41.88 15.34
CA HIS F 140 -14.76 41.24 15.01
C HIS F 140 -14.78 39.78 15.46
N PRO F 141 -13.99 38.91 14.81
CA PRO F 141 -13.87 37.54 15.30
C PRO F 141 -13.07 37.51 16.60
N ASN F 142 -13.59 36.77 17.58
CA ASN F 142 -12.90 36.60 18.85
C ASN F 142 -13.13 35.17 19.35
N VAL F 143 -12.22 34.73 20.23
CA VAL F 143 -12.26 33.34 20.69
C VAL F 143 -13.43 33.13 21.65
N GLN F 144 -13.72 34.13 22.49
CA GLN F 144 -14.78 33.97 23.48
C GLN F 144 -16.13 33.71 22.83
N LYS F 145 -16.40 34.35 21.70
CA LYS F 145 -17.67 34.13 21.00
C LYS F 145 -17.77 32.70 20.49
N ASP F 146 -16.72 32.22 19.82
CA ASP F 146 -16.75 30.87 19.27
C ASP F 146 -16.79 29.82 20.37
N LEU F 147 -16.20 30.10 21.53
CA LEU F 147 -16.26 29.15 22.64
C LEU F 147 -17.69 29.01 23.15
N GLU F 148 -18.41 30.12 23.30
CA GLU F 148 -19.81 30.04 23.68
C GLU F 148 -20.64 29.38 22.58
N ARG F 149 -20.32 29.66 21.32
CA ARG F 149 -21.04 29.04 20.21
C ARG F 149 -20.82 27.53 20.18
N LEU F 150 -19.58 27.09 20.37
CA LEU F 150 -19.25 25.67 20.36
C LEU F 150 -19.86 24.98 21.58
N MET G 1 34.47 -0.93 -1.91
CA MET G 1 34.34 0.03 -0.82
C MET G 1 33.32 1.11 -1.15
N ASP G 2 32.61 1.57 -0.12
CA ASP G 2 31.51 2.51 -0.30
C ASP G 2 32.03 3.95 -0.33
N VAL G 3 31.61 4.71 -1.33
CA VAL G 3 31.86 6.14 -1.40
C VAL G 3 30.53 6.86 -1.33
N PHE G 4 30.57 8.09 -0.80
CA PHE G 4 29.35 8.87 -0.56
C PHE G 4 29.49 10.19 -1.30
N LEU G 5 28.54 10.45 -2.19
CA LEU G 5 28.69 11.50 -3.19
C LEU G 5 27.55 12.50 -3.10
N MET G 6 27.82 13.69 -3.64
CA MET G 6 26.81 14.72 -3.89
C MET G 6 26.80 14.99 -5.39
N ILE G 7 25.74 14.58 -6.06
CA ILE G 7 25.54 14.88 -7.47
C ILE G 7 24.82 16.22 -7.55
N ARG G 8 25.49 17.24 -8.06
CA ARG G 8 25.02 18.61 -7.99
C ARG G 8 24.89 19.20 -9.38
N ARG G 9 23.75 19.83 -9.65
CA ARG G 9 23.54 20.57 -10.89
C ARG G 9 22.63 21.75 -10.59
N HIS G 10 23.11 22.96 -10.90
CA HIS G 10 22.37 24.20 -10.64
C HIS G 10 21.99 24.28 -9.17
N LYS G 11 20.69 24.21 -8.86
CA LYS G 11 20.20 24.20 -7.49
C LYS G 11 19.67 22.83 -7.10
N THR G 12 20.14 21.77 -7.77
CA THR G 12 19.77 20.39 -7.46
C THR G 12 20.97 19.69 -6.88
N THR G 13 20.76 18.94 -5.79
CA THR G 13 21.83 18.19 -5.14
C THR G 13 21.29 16.82 -4.76
N ILE G 14 21.83 15.78 -5.38
CA ILE G 14 21.42 14.41 -5.14
C ILE G 14 22.39 13.80 -4.13
N PHE G 15 21.86 13.28 -3.02
CA PHE G 15 22.64 12.55 -2.04
C PHE G 15 22.50 11.06 -2.31
N THR G 16 23.61 10.39 -2.62
CA THR G 16 23.59 8.97 -2.87
C THR G 16 24.98 8.40 -2.59
N ASP G 17 25.06 7.07 -2.59
CA ASP G 17 26.31 6.37 -2.37
C ASP G 17 26.51 5.33 -3.47
N ALA G 18 27.76 4.91 -3.63
CA ALA G 18 28.11 3.91 -4.63
C ALA G 18 29.36 3.19 -4.15
N LYS G 19 29.79 2.19 -4.92
CA LYS G 19 31.00 1.46 -4.63
C LYS G 19 32.18 2.07 -5.37
N GLU G 20 33.38 1.85 -4.83
CA GLU G 20 34.59 2.30 -5.50
C GLU G 20 34.75 1.64 -6.87
N SER G 21 34.27 0.41 -7.01
CA SER G 21 34.37 -0.32 -8.27
C SER G 21 33.26 0.02 -9.25
N SER G 22 32.26 0.79 -8.83
CA SER G 22 31.20 1.20 -9.74
C SER G 22 31.74 2.16 -10.80
N THR G 23 31.21 2.05 -12.01
CA THR G 23 31.66 2.89 -13.11
C THR G 23 30.86 4.19 -13.16
N VAL G 24 31.35 5.12 -13.98
CA VAL G 24 30.64 6.38 -14.17
C VAL G 24 29.30 6.15 -14.85
N PHE G 25 29.25 5.21 -15.81
CA PHE G 25 27.99 4.91 -16.47
C PHE G 25 26.96 4.37 -15.49
N GLU G 26 27.39 3.46 -14.59
CA GLU G 26 26.47 2.97 -13.57
C GLU G 26 25.99 4.09 -12.67
N LEU G 27 26.80 5.13 -12.49
CA LEU G 27 26.34 6.30 -11.73
C LEU G 27 25.33 7.11 -12.53
N LYS G 28 25.49 7.16 -13.86
CA LYS G 28 24.52 7.86 -14.69
C LYS G 28 23.17 7.17 -14.66
N ARG G 29 23.14 5.86 -14.44
CA ARG G 29 21.88 5.16 -14.29
C ARG G 29 21.16 5.57 -13.02
N ILE G 30 21.91 5.84 -11.94
CA ILE G 30 21.29 6.30 -10.70
C ILE G 30 20.64 7.66 -10.90
N VAL G 31 21.29 8.53 -11.69
CA VAL G 31 20.70 9.82 -12.01
C VAL G 31 19.48 9.65 -12.92
N GLU G 32 19.51 8.64 -13.79
CA GLU G 32 18.37 8.38 -14.66
C GLU G 32 17.11 8.09 -13.86
N GLY G 33 17.22 7.27 -12.81
CA GLY G 33 16.07 6.93 -12.01
C GLY G 33 15.55 8.07 -11.17
N ILE G 34 16.35 9.11 -10.98
CA ILE G 34 15.97 10.22 -10.10
C ILE G 34 15.47 11.41 -10.92
N LEU G 35 16.29 11.88 -11.85
CA LEU G 35 15.97 13.07 -12.62
C LEU G 35 15.32 12.77 -13.96
N LYS G 36 15.14 11.49 -14.29
CA LYS G 36 14.45 11.08 -15.52
C LYS G 36 15.13 11.64 -16.77
N ARG G 37 16.44 11.40 -16.89
CA ARG G 37 17.21 11.84 -18.03
C ARG G 37 18.23 10.75 -18.35
N PRO G 38 18.31 10.30 -19.61
CA PRO G 38 19.13 9.14 -19.95
C PRO G 38 20.61 9.45 -19.88
N PRO G 39 21.45 8.42 -19.70
CA PRO G 39 22.90 8.67 -19.56
C PRO G 39 23.51 9.41 -20.73
N ASP G 40 23.04 9.17 -21.96
CA ASP G 40 23.61 9.85 -23.12
C ASP G 40 23.30 11.34 -23.14
N GLU G 41 22.43 11.82 -22.26
CA GLU G 41 22.15 13.24 -22.12
C GLU G 41 22.77 13.83 -20.87
N GLN G 42 23.64 13.09 -20.20
CA GLN G 42 24.29 13.53 -18.96
C GLN G 42 25.79 13.72 -19.18
N ARG G 43 26.37 14.62 -18.39
CA ARG G 43 27.81 14.85 -18.38
C ARG G 43 28.26 14.97 -16.93
N LEU G 44 28.93 13.95 -16.42
CA LEU G 44 29.39 13.94 -15.04
C LEU G 44 30.81 14.47 -14.96
N TYR G 45 31.05 15.32 -13.96
CA TYR G 45 32.34 15.99 -13.79
C TYR G 45 32.88 15.74 -12.39
N LYS G 46 34.20 15.65 -12.28
CA LYS G 46 34.92 15.83 -11.02
C LYS G 46 35.72 17.12 -11.17
N ASP G 47 35.29 18.16 -10.46
CA ASP G 47 35.79 19.52 -10.65
C ASP G 47 35.53 19.88 -12.11
N ASP G 48 36.55 20.15 -12.92
CA ASP G 48 36.35 20.49 -14.33
C ASP G 48 36.63 19.33 -15.26
N GLN G 49 36.98 18.15 -14.74
CA GLN G 49 37.34 17.01 -15.57
C GLN G 49 36.10 16.20 -15.93
N LEU G 50 35.90 15.98 -17.22
CA LEU G 50 34.80 15.14 -17.69
C LEU G 50 35.13 13.68 -17.43
N LEU G 51 34.16 12.94 -16.90
CA LEU G 51 34.34 11.55 -16.51
C LEU G 51 33.91 10.62 -17.63
N ASP G 52 34.79 9.70 -18.01
CA ASP G 52 34.47 8.71 -19.03
C ASP G 52 33.55 7.63 -18.47
N ASP G 53 32.64 7.14 -19.31
CA ASP G 53 31.62 6.21 -18.85
C ASP G 53 32.22 4.89 -18.36
N GLY G 54 33.31 4.45 -18.99
CA GLY G 54 33.90 3.16 -18.64
C GLY G 54 34.80 3.16 -17.44
N LYS G 55 35.16 4.33 -16.91
CA LYS G 55 36.05 4.41 -15.76
C LYS G 55 35.25 4.25 -14.46
N THR G 56 35.93 3.72 -13.45
CA THR G 56 35.33 3.53 -12.14
C THR G 56 35.58 4.74 -11.25
N LEU G 57 34.75 4.88 -10.22
CA LEU G 57 34.87 6.01 -9.30
C LEU G 57 36.20 5.98 -8.55
N GLY G 58 36.72 4.79 -8.28
CA GLY G 58 38.01 4.70 -7.59
C GLY G 58 39.14 5.29 -8.41
N GLU G 59 39.17 4.98 -9.71
CA GLU G 59 40.20 5.51 -10.60
C GLU G 59 40.05 7.01 -10.77
N GLY G 61 39.34 8.95 -8.46
CA GLY G 61 39.79 9.58 -7.23
C GLY G 61 38.73 9.69 -6.15
N PHE G 62 37.58 9.08 -6.38
CA PHE G 62 36.51 9.04 -5.38
C PHE G 62 36.79 7.85 -4.46
N THR G 63 37.50 8.13 -3.37
CA THR G 63 37.91 7.11 -2.42
C THR G 63 37.07 7.18 -1.15
N SER G 64 37.05 6.07 -0.42
CA SER G 64 36.24 5.99 0.80
C SER G 64 36.65 7.04 1.82
N GLN G 65 37.92 7.45 1.81
CA GLN G 65 38.42 8.39 2.80
C GLN G 65 38.27 9.85 2.38
N THR G 66 37.85 10.10 1.14
CA THR G 66 37.52 11.45 0.71
C THR G 66 36.04 11.63 0.45
N ALA G 67 35.32 10.57 0.10
CA ALA G 67 33.88 10.61 -0.08
C ALA G 67 33.18 10.04 1.15
N ARG G 68 33.36 10.73 2.28
CA ARG G 68 32.87 10.29 3.57
C ARG G 68 31.39 10.62 3.72
N PRO G 69 30.65 9.86 4.55
CA PRO G 69 29.23 10.17 4.74
C PRO G 69 28.99 11.56 5.31
N GLN G 70 29.80 11.97 6.29
CA GLN G 70 29.67 13.31 6.88
C GLN G 70 30.33 14.40 6.05
N ALA G 71 31.04 14.03 4.98
CA ALA G 71 31.66 15.01 4.08
C ALA G 71 31.74 14.40 2.68
N PRO G 72 30.60 14.34 1.99
CA PRO G 72 30.57 13.68 0.69
C PRO G 72 31.27 14.48 -0.40
N ALA G 73 31.71 13.76 -1.43
CA ALA G 73 32.39 14.37 -2.56
C ALA G 73 31.38 14.83 -3.60
N THR G 74 31.69 15.95 -4.26
CA THR G 74 30.79 16.55 -5.22
C THR G 74 31.11 16.04 -6.62
N VAL G 75 30.07 15.57 -7.33
CA VAL G 75 30.16 15.20 -8.73
C VAL G 75 29.31 16.18 -9.52
N GLY G 76 29.93 16.87 -10.47
CA GLY G 76 29.18 17.79 -11.31
C GLY G 76 28.28 17.07 -12.29
N LEU G 77 27.19 17.74 -12.65
CA LEU G 77 26.22 17.17 -13.59
C LEU G 77 25.79 18.25 -14.56
N ALA G 78 25.79 17.91 -15.85
CA ALA G 78 25.33 18.80 -16.91
C ALA G 78 24.43 18.02 -17.86
N PHE G 79 23.34 18.66 -18.27
CA PHE G 79 22.34 18.03 -19.12
C PHE G 79 22.46 18.51 -20.57
N ARG G 80 22.05 17.65 -21.49
CA ARG G 80 21.89 18.02 -22.89
C ARG G 80 20.43 18.45 -23.08
N ALA G 81 20.20 19.75 -23.21
CA ALA G 81 18.84 20.27 -23.30
C ALA G 81 18.19 19.87 -24.61
N ASP G 82 18.74 20.34 -25.74
CA ASP G 82 18.20 20.01 -27.04
C ASP G 82 19.33 19.40 -27.86
N ASP G 83 19.98 20.15 -28.72
CA ASP G 83 21.06 19.62 -29.55
C ASP G 83 22.43 19.73 -28.88
N THR G 84 22.60 20.66 -27.94
CA THR G 84 23.90 20.91 -27.33
C THR G 84 23.82 20.69 -25.82
N PHE G 85 24.96 20.34 -25.24
CA PHE G 85 25.07 20.17 -23.80
C PHE G 85 25.18 21.53 -23.11
N GLU G 86 24.59 21.63 -21.93
CA GLU G 86 24.71 22.87 -21.17
C GLU G 86 26.06 22.91 -20.46
N ALA G 87 26.50 24.13 -20.14
CA ALA G 87 27.70 24.29 -19.35
C ALA G 87 27.45 23.86 -17.91
N LEU G 88 28.49 23.30 -17.29
CA LEU G 88 28.40 22.87 -15.90
C LEU G 88 28.21 24.08 -14.99
N ILE G 90 27.03 25.01 -10.97
CA ILE G 90 26.67 24.59 -9.62
C ILE G 90 26.44 25.83 -8.75
N GLU G 91 25.21 26.01 -8.29
CA GLU G 91 24.88 27.14 -7.44
C GLU G 91 25.39 26.87 -6.03
N PRO G 92 26.22 27.73 -5.47
CA PRO G 92 26.69 27.52 -4.09
C PRO G 92 25.54 27.62 -3.10
N PHE G 93 25.73 26.97 -1.95
CA PHE G 93 24.75 27.09 -0.88
C PHE G 93 24.77 28.51 -0.33
N SER G 94 23.75 28.83 0.47
CA SER G 94 23.65 30.16 1.06
C SER G 94 24.84 30.43 1.97
N SER G 95 25.16 31.71 2.15
CA SER G 95 26.27 31.96 3.04
C SER G 95 25.78 32.07 4.48
N PRO G 96 26.51 31.51 5.44
CA PRO G 96 26.09 31.62 6.84
C PRO G 96 26.31 33.04 7.34
N PRO G 97 25.53 33.48 8.33
CA PRO G 97 25.70 34.84 8.85
C PRO G 97 27.01 34.99 9.60
N GLU G 98 27.32 36.23 9.97
CA GLU G 98 28.51 36.52 10.75
C GLU G 98 28.39 35.87 12.12
N LEU G 99 29.51 35.40 12.64
CA LEU G 99 29.52 34.79 13.96
C LEU G 99 29.06 35.79 15.00
N PRO G 100 28.14 35.43 15.89
CA PRO G 100 27.75 36.35 16.96
C PRO G 100 28.95 36.75 17.82
N ASP G 101 28.82 37.90 18.48
CA ASP G 101 29.91 38.41 19.29
C ASP G 101 30.32 37.46 20.40
N VAL G 102 29.41 36.56 20.82
CA VAL G 102 29.68 35.65 21.92
C VAL G 102 30.20 34.33 21.37
N MET G 103 30.84 34.38 20.21
CA MET G 103 31.46 33.19 19.62
C MET G 103 32.82 33.53 19.01
N MET H 2 11.36 5.70 -3.09
CA MET H 2 12.81 5.54 -3.21
C MET H 2 13.55 6.79 -2.74
N TYR H 3 13.20 7.93 -3.33
CA TYR H 3 13.85 9.20 -3.01
C TYR H 3 12.79 10.24 -2.70
N VAL H 4 13.18 11.24 -1.90
CA VAL H 4 12.34 12.38 -1.58
C VAL H 4 13.12 13.66 -1.86
N LYS H 5 12.38 14.77 -1.97
CA LYS H 5 12.97 16.07 -2.25
C LYS H 5 12.73 16.98 -1.06
N LEU H 6 13.81 17.47 -0.47
CA LEU H 6 13.76 18.46 0.60
C LEU H 6 14.29 19.77 0.05
N ILE H 7 13.46 20.81 0.09
CA ILE H 7 13.76 22.11 -0.50
C ILE H 7 14.06 23.10 0.63
N SER H 8 15.18 23.80 0.51
CA SER H 8 15.57 24.80 1.50
C SER H 8 14.82 26.11 1.27
N SER H 9 15.00 27.03 2.22
CA SER H 9 14.30 28.31 2.13
C SER H 9 14.75 29.12 0.93
N ASP H 10 16.01 29.02 0.54
CA ASP H 10 16.55 29.74 -0.60
C ASP H 10 16.41 28.97 -1.90
N GLY H 11 15.66 27.86 -1.92
CA GLY H 11 15.30 27.19 -3.14
C GLY H 11 16.16 26.00 -3.53
N HIS H 12 17.12 25.61 -2.71
CA HIS H 12 17.96 24.47 -3.04
C HIS H 12 17.19 23.17 -2.85
N GLU H 13 17.26 22.30 -3.85
CA GLU H 13 16.53 21.03 -3.83
C GLU H 13 17.50 19.89 -3.51
N PHE H 14 17.26 19.21 -2.41
CA PHE H 14 18.11 18.11 -1.95
C PHE H 14 17.34 16.80 -2.08
N ILE H 15 17.82 15.92 -2.94
CA ILE H 15 17.17 14.64 -3.21
C ILE H 15 17.95 13.57 -2.45
N VAL H 16 17.32 13.02 -1.41
CA VAL H 16 17.93 12.01 -0.56
C VAL H 16 17.09 10.75 -0.60
N LYS H 17 17.68 9.65 -0.15
CA LYS H 17 16.96 8.38 -0.10
C LYS H 17 15.83 8.46 0.93
N ARG H 18 14.71 7.82 0.61
CA ARG H 18 13.56 7.85 1.51
C ARG H 18 13.91 7.26 2.87
N GLU H 19 14.56 6.09 2.87
CA GLU H 19 14.97 5.47 4.13
C GLU H 19 15.84 6.39 4.96
N HIS H 20 16.67 7.22 4.31
CA HIS H 20 17.50 8.16 5.04
C HIS H 20 16.71 9.36 5.55
N ALA H 21 15.71 9.81 4.80
CA ALA H 21 14.89 10.93 5.25
C ALA H 21 14.02 10.54 6.43
N LEU H 22 13.65 9.26 6.54
CA LEU H 22 12.85 8.80 7.67
C LEU H 22 13.63 8.84 8.99
N THR H 23 14.93 9.11 8.95
CA THR H 23 15.69 9.29 10.17
C THR H 23 15.08 10.39 11.04
N SER H 24 14.65 11.48 10.41
CA SER H 24 13.93 12.53 11.11
C SER H 24 12.49 12.09 11.34
N GLY H 25 12.08 12.04 12.60
CA GLY H 25 10.70 11.69 12.90
C GLY H 25 9.71 12.69 12.34
N THR H 26 10.09 13.97 12.31
CA THR H 26 9.22 14.99 11.72
C THR H 26 8.99 14.74 10.24
N ILE H 27 10.06 14.41 9.51
CA ILE H 27 9.93 14.14 8.08
C ILE H 27 9.10 12.87 7.84
N LYS H 28 9.25 11.87 8.72
CA LYS H 28 8.51 10.62 8.55
C LYS H 28 7.01 10.84 8.70
N ALA H 29 6.60 11.59 9.72
CA ALA H 29 5.19 11.94 9.87
C ALA H 29 4.72 12.89 8.79
N MET H 30 5.63 13.67 8.20
CA MET H 30 5.28 14.61 7.14
C MET H 30 4.98 13.87 5.85
N GLU H 44 7.82 15.57 -2.08
CA GLU H 44 8.44 16.88 -2.01
C GLU H 44 8.16 17.54 -0.66
N VAL H 45 9.12 18.35 -0.19
CA VAL H 45 9.08 18.93 1.14
C VAL H 45 9.73 20.30 1.10
N ASN H 46 9.04 21.30 1.66
CA ASN H 46 9.53 22.67 1.68
C ASN H 46 9.82 23.09 3.12
N PHE H 47 11.04 23.58 3.36
CA PHE H 47 11.46 24.10 4.66
C PHE H 47 11.69 25.60 4.48
N ARG H 48 10.65 26.39 4.78
CA ARG H 48 10.75 27.84 4.59
C ARG H 48 11.69 28.50 5.60
N GLU H 49 12.18 27.76 6.60
CA GLU H 49 13.01 28.33 7.64
C GLU H 49 14.43 27.79 7.67
N ILE H 50 14.72 26.71 6.94
CA ILE H 50 16.04 26.08 6.94
C ILE H 50 16.75 26.48 5.65
N PRO H 51 17.81 27.28 5.70
CA PRO H 51 18.53 27.62 4.47
C PRO H 51 19.37 26.46 3.97
N SER H 52 19.97 26.67 2.79
CA SER H 52 20.68 25.57 2.13
C SER H 52 21.95 25.18 2.88
N HIS H 53 22.64 26.16 3.48
CA HIS H 53 23.85 25.84 4.22
C HIS H 53 23.57 25.09 5.52
N VAL H 54 22.30 24.95 5.89
CA VAL H 54 21.90 24.14 7.03
C VAL H 54 21.23 22.85 6.58
N LEU H 55 20.39 22.92 5.55
CA LEU H 55 19.73 21.72 5.05
C LEU H 55 20.73 20.75 4.42
N SER H 56 21.82 21.27 3.86
CA SER H 56 22.84 20.38 3.30
C SER H 56 23.52 19.55 4.38
N LYS H 57 23.77 20.16 5.55
CA LYS H 57 24.35 19.40 6.65
C LYS H 57 23.39 18.37 7.20
N VAL H 58 22.09 18.69 7.21
CA VAL H 58 21.09 17.76 7.72
C VAL H 58 21.07 16.49 6.88
N CYS H 59 21.08 16.64 5.55
CA CYS H 59 21.17 15.47 4.67
C CYS H 59 22.47 14.72 4.88
N MET H 60 23.56 15.44 5.17
CA MET H 60 24.82 14.79 5.49
C MET H 60 24.73 13.99 6.78
N TYR H 61 23.92 14.47 7.74
CA TYR H 61 23.71 13.69 8.96
C TYR H 61 22.87 12.45 8.68
N PHE H 62 21.96 12.51 7.70
CA PHE H 62 21.16 11.34 7.36
C PHE H 62 22.05 10.21 6.86
N THR H 63 23.04 10.55 6.03
CA THR H 63 23.99 9.53 5.57
C THR H 63 24.90 9.07 6.70
N TYR H 64 25.29 10.00 7.58
CA TYR H 64 26.16 9.66 8.70
C TYR H 64 25.48 8.70 9.66
N LYS H 65 24.23 8.99 10.03
CA LYS H 65 23.53 8.17 11.01
C LYS H 65 23.25 6.77 10.49
N VAL H 66 22.73 6.68 9.26
CA VAL H 66 22.39 5.37 8.70
C VAL H 66 23.63 4.49 8.57
N ARG H 67 24.76 5.08 8.21
CA ARG H 67 25.98 4.30 8.00
C ARG H 67 26.55 3.76 9.30
N TYR H 68 26.59 4.59 10.34
CA TYR H 68 27.35 4.27 11.55
C TYR H 68 26.48 3.74 12.69
N THR H 69 25.15 3.72 12.54
CA THR H 69 24.31 3.12 13.57
C THR H 69 24.43 1.60 13.51
N ASN H 70 24.75 1.00 14.66
CA ASN H 70 24.94 -0.46 14.77
C ASN H 70 26.02 -0.93 13.81
N SER H 71 27.23 -0.41 14.01
CA SER H 71 28.36 -0.74 13.15
C SER H 71 29.59 -1.13 13.97
N GLU H 74 34.76 1.81 13.83
CA GLU H 74 35.04 3.02 14.61
C GLU H 74 34.30 4.22 14.02
N ILE H 75 33.54 4.91 14.87
CA ILE H 75 32.69 6.02 14.43
C ILE H 75 33.48 7.32 14.51
N PRO H 76 33.54 8.10 13.43
CA PRO H 76 34.22 9.39 13.47
C PRO H 76 33.28 10.51 13.91
N GLU H 77 33.88 11.65 14.20
CA GLU H 77 33.12 12.81 14.64
C GLU H 77 32.32 13.41 13.49
N PHE H 78 31.11 13.88 13.81
CA PHE H 78 30.31 14.61 12.83
C PHE H 78 30.71 16.08 12.86
N PRO H 79 31.32 16.62 11.81
CA PRO H 79 31.80 18.00 11.85
C PRO H 79 30.66 18.99 11.64
N ILE H 80 30.74 20.12 12.36
CA ILE H 80 29.76 21.20 12.26
C ILE H 80 30.54 22.50 12.37
N ALA H 81 30.54 23.30 11.31
CA ALA H 81 31.26 24.56 11.34
C ALA H 81 30.62 25.51 12.34
N PRO H 82 31.41 26.31 13.06
CA PRO H 82 30.83 27.21 14.07
C PRO H 82 29.82 28.19 13.50
N GLU H 83 30.02 28.65 12.26
CA GLU H 83 29.15 29.67 11.68
C GLU H 83 27.74 29.17 11.41
N ILE H 84 27.54 27.85 11.36
CA ILE H 84 26.24 27.27 11.05
C ILE H 84 25.67 26.48 12.24
N ALA H 85 26.33 26.55 13.40
CA ALA H 85 25.90 25.72 14.53
C ALA H 85 24.56 26.16 15.08
N LEU H 86 24.36 27.48 15.25
CA LEU H 86 23.10 27.98 15.80
C LEU H 86 21.91 27.51 14.97
N GLU H 87 21.95 27.79 13.67
CA GLU H 87 20.82 27.43 12.81
C GLU H 87 20.64 25.93 12.72
N LEU H 88 21.75 25.18 12.65
CA LEU H 88 21.65 23.73 12.62
C LEU H 88 21.03 23.18 13.89
N LEU H 89 21.27 23.84 15.04
CA LEU H 89 20.65 23.41 16.28
C LEU H 89 19.14 23.62 16.24
N MET H 90 18.70 24.80 15.78
CA MET H 90 17.27 25.06 15.66
C MET H 90 16.62 24.15 14.62
N ALA H 91 17.35 23.82 13.55
CA ALA H 91 16.81 22.90 12.55
C ALA H 91 16.70 21.49 13.09
N ALA H 92 17.71 21.03 13.83
CA ALA H 92 17.67 19.69 14.40
C ALA H 92 16.59 19.56 15.46
N ASN H 93 16.30 20.66 16.17
CA ASN H 93 15.25 20.62 17.19
C ASN H 93 13.89 20.35 16.56
N PHE H 94 13.57 21.03 15.47
CA PHE H 94 12.28 20.81 14.80
C PHE H 94 12.24 19.47 14.11
N LEU H 95 13.33 19.08 13.44
CA LEU H 95 13.34 17.84 12.67
C LEU H 95 13.34 16.59 13.53
N ASP H 96 13.62 16.72 14.83
CA ASP H 96 13.64 15.58 15.76
C ASP H 96 14.61 14.50 15.28
N CYS H 97 15.89 14.87 15.22
CA CYS H 97 16.94 13.94 14.81
C CYS H 97 18.30 14.35 15.37
N LEU I 12 23.33 1.13 41.47
CA LEU I 12 24.51 1.06 40.60
C LEU I 12 25.79 1.31 41.40
N ARG I 13 26.51 0.22 41.70
CA ARG I 13 27.76 0.30 42.43
C ARG I 13 28.62 -0.89 42.04
N SER I 14 29.87 -0.85 42.48
CA SER I 14 30.81 -1.93 42.20
C SER I 14 30.69 -3.02 43.26
N VAL I 15 30.70 -4.26 42.81
CA VAL I 15 30.71 -5.41 43.72
C VAL I 15 32.11 -5.59 44.26
N ASN I 16 32.23 -5.64 45.60
CA ASN I 16 33.52 -5.79 46.26
C ASN I 16 33.95 -7.26 46.30
N SER I 17 34.08 -7.84 45.10
CA SER I 17 34.44 -9.24 44.99
C SER I 17 35.90 -9.51 45.33
N ARG I 18 36.76 -8.49 45.24
CA ARG I 18 38.20 -8.64 45.47
C ARG I 18 38.82 -9.67 44.52
N GLU I 19 38.22 -9.86 43.35
CA GLU I 19 38.74 -10.75 42.34
C GLU I 19 39.40 -9.91 41.25
N PRO I 20 40.72 -9.90 41.12
CA PRO I 20 41.35 -9.03 40.12
C PRO I 20 40.94 -9.42 38.71
N SER I 21 40.88 -8.42 37.84
CA SER I 21 40.53 -8.59 36.44
C SER I 21 41.34 -7.61 35.61
N GLN I 22 42.06 -8.14 34.63
CA GLN I 22 42.94 -7.33 33.78
C GLN I 22 42.15 -6.77 32.60
N VAL I 23 42.19 -5.45 32.45
CA VAL I 23 41.37 -4.75 31.47
C VAL I 23 42.28 -3.89 30.59
N ILE I 24 41.94 -3.82 29.31
CA ILE I 24 42.59 -2.91 28.36
C ILE I 24 41.59 -1.80 28.04
N PHE I 25 41.93 -0.57 28.40
CA PHE I 25 41.13 0.59 28.04
C PHE I 25 41.53 1.08 26.65
N ASN I 27 40.85 3.49 23.72
CA ASN I 27 40.19 4.70 23.26
C ASN I 27 40.09 4.75 21.74
N ARG I 28 39.02 4.18 21.19
CA ARG I 28 38.72 4.24 19.76
C ARG I 28 37.84 5.42 19.41
N SER I 29 38.12 6.59 19.96
CA SER I 29 37.32 7.79 19.77
C SER I 29 38.26 8.97 19.59
N PRO I 30 37.79 10.05 18.95
CA PRO I 30 38.62 11.26 18.81
C PRO I 30 38.63 12.17 20.02
N ARG I 31 38.07 11.74 21.15
CA ARG I 31 37.99 12.56 22.35
C ARG I 31 39.01 12.10 23.39
N VAL I 32 39.34 13.01 24.29
CA VAL I 32 40.11 12.68 25.49
C VAL I 32 39.15 11.99 26.46
N VAL I 33 39.34 10.69 26.66
CA VAL I 33 38.39 9.87 27.41
C VAL I 33 38.74 9.93 28.89
N LEU I 34 37.73 10.19 29.71
CA LEU I 34 37.88 10.15 31.16
C LEU I 34 37.21 8.89 31.69
N PRO I 35 37.96 7.90 32.19
CA PRO I 35 37.33 6.71 32.75
C PRO I 35 36.82 7.00 34.16
N VAL I 36 35.60 6.57 34.43
CA VAL I 36 34.93 6.84 35.71
C VAL I 36 34.58 5.50 36.34
N TRP I 37 35.11 5.27 37.53
CA TRP I 37 34.81 4.08 38.31
C TRP I 37 33.78 4.42 39.39
N LEU I 38 32.77 3.57 39.54
CA LEU I 38 31.79 3.73 40.60
C LEU I 38 32.25 2.91 41.80
N ASN I 39 32.50 3.57 42.93
CA ASN I 39 33.01 2.88 44.10
C ASN I 39 31.90 2.06 44.75
N PHE I 40 32.20 1.47 45.90
CA PHE I 40 31.27 0.58 46.57
C PHE I 40 30.06 1.31 47.17
N ASP I 41 30.10 2.63 47.23
CA ASP I 41 28.96 3.44 47.64
C ASP I 41 28.20 4.03 46.47
N GLY I 42 28.52 3.62 45.25
CA GLY I 42 27.89 4.16 44.05
C GLY I 42 28.40 5.52 43.63
N GLU I 43 29.42 6.06 44.30
CA GLU I 43 29.93 7.38 43.98
C GLU I 43 30.92 7.29 42.82
N PRO I 44 30.80 8.15 41.81
CA PRO I 44 31.74 8.08 40.68
C PRO I 44 33.13 8.54 41.08
N GLN I 45 34.14 7.86 40.54
CA GLN I 45 35.54 8.16 40.82
C GLN I 45 36.27 8.33 39.50
N PRO I 46 36.86 9.49 39.22
CA PRO I 46 37.58 9.67 37.96
C PRO I 46 39.00 9.12 38.02
N TYR I 47 39.45 8.61 36.89
CA TYR I 47 40.79 8.06 36.73
C TYR I 47 41.56 8.89 35.70
N PRO I 48 42.88 8.70 35.57
CA PRO I 48 43.62 9.47 34.57
C PRO I 48 43.06 9.30 33.17
N THR I 49 43.11 10.37 32.39
CA THR I 49 42.45 10.43 31.10
C THR I 49 43.25 9.67 30.04
N LEU I 50 42.63 9.48 28.88
CA LEU I 50 43.22 8.75 27.77
C LEU I 50 43.24 9.63 26.53
N PRO I 51 44.42 9.94 25.97
CA PRO I 51 44.47 10.66 24.70
C PRO I 51 43.79 9.85 23.60
N PRO I 52 43.33 10.51 22.54
CA PRO I 52 42.60 9.79 21.48
C PRO I 52 43.49 8.76 20.79
N GLY I 53 42.91 7.60 20.49
CA GLY I 53 43.62 6.57 19.78
C GLY I 53 44.65 5.82 20.58
N THR I 54 44.59 5.92 21.91
CA THR I 54 45.56 5.27 22.78
C THR I 54 44.90 4.16 23.60
N GLY I 55 45.72 3.24 24.07
CA GLY I 55 45.28 2.18 24.95
C GLY I 55 46.04 2.23 26.28
N ARG I 56 45.51 1.50 27.27
CA ARG I 56 46.14 1.45 28.58
C ARG I 56 45.69 0.21 29.31
N ARG I 57 46.65 -0.57 29.80
CA ARG I 57 46.36 -1.69 30.69
C ARG I 57 46.09 -1.17 32.09
N ILE I 58 44.97 -1.56 32.67
CA ILE I 58 44.60 -1.16 34.02
C ILE I 58 44.16 -2.39 34.81
N HIS I 59 44.45 -2.38 36.10
CA HIS I 59 44.11 -3.48 37.00
C HIS I 59 42.78 -3.16 37.68
N SER I 60 41.74 -3.93 37.34
CA SER I 60 40.43 -3.74 37.97
C SER I 60 40.00 -5.01 38.68
N TYR I 61 38.70 -5.14 38.94
CA TYR I 61 38.18 -6.30 39.65
C TYR I 61 36.87 -6.73 39.03
N ARG I 62 36.56 -8.02 39.17
CA ARG I 62 35.33 -8.57 38.62
C ARG I 62 34.13 -7.99 39.36
N GLY I 63 33.11 -7.57 38.60
CA GLY I 63 31.92 -7.00 39.17
C GLY I 63 31.93 -5.49 39.34
N HIS I 64 33.07 -4.84 39.10
CA HIS I 64 33.15 -3.40 39.21
C HIS I 64 32.44 -2.74 38.02
N LEU I 65 32.04 -1.49 38.21
CA LEU I 65 31.30 -0.74 37.21
C LEU I 65 32.14 0.42 36.68
N TRP I 66 32.21 0.54 35.37
CA TRP I 66 32.97 1.59 34.71
C TRP I 66 32.09 2.31 33.68
N LEU I 67 32.32 3.60 33.53
CA LEU I 67 31.75 4.37 32.43
C LEU I 67 32.78 5.41 32.00
N PHE I 68 32.64 5.89 30.76
CA PHE I 68 33.65 6.71 30.13
C PHE I 68 33.00 7.94 29.48
N ARG I 69 33.58 9.10 29.74
CA ARG I 69 33.05 10.38 29.28
C ARG I 69 34.13 11.19 28.61
N ASP I 70 33.70 12.22 27.88
CA ASP I 70 34.63 13.25 27.42
C ASP I 70 35.25 13.94 28.63
N ALA I 71 36.58 14.00 28.65
CA ALA I 71 37.26 14.57 29.82
C ALA I 71 36.95 16.05 29.99
N GLY I 72 36.75 16.77 28.89
CA GLY I 72 36.51 18.20 28.97
C GLY I 72 35.06 18.58 29.15
N THR I 73 34.17 17.92 28.41
CA THR I 73 32.76 18.30 28.33
C THR I 73 31.82 17.30 28.98
N HIS I 74 32.34 16.17 29.47
CA HIS I 74 31.55 15.11 30.09
C HIS I 74 30.48 14.56 29.16
N ASP I 75 30.66 14.71 27.85
CA ASP I 75 29.79 14.05 26.90
C ASP I 75 29.86 12.54 27.08
N GLY I 76 28.70 11.89 27.06
CA GLY I 76 28.68 10.45 27.22
C GLY I 76 29.36 9.75 26.07
N LEU I 77 30.01 8.62 26.40
CA LEU I 77 30.66 7.78 25.41
C LEU I 77 30.19 6.35 25.59
N LEU I 78 30.42 5.53 24.57
CA LEU I 78 30.06 4.13 24.62
C LEU I 78 31.30 3.29 24.90
N VAL I 79 31.09 2.17 25.58
CA VAL I 79 32.14 1.18 25.81
C VAL I 79 31.56 -0.20 25.51
N ASN I 80 32.15 -0.88 24.52
CA ASN I 80 31.63 -2.17 24.06
C ASN I 80 30.16 -2.08 23.67
N GLN I 81 29.83 -1.01 22.94
CA GLN I 81 28.50 -0.73 22.39
C GLN I 81 27.44 -0.45 23.43
N THR I 82 27.81 -0.23 24.69
CA THR I 82 26.83 0.02 25.74
C THR I 82 27.37 1.09 26.68
N GLU I 83 26.64 1.34 27.76
CA GLU I 83 26.93 2.46 28.65
C GLU I 83 27.90 2.10 29.76
N LEU I 84 27.74 0.94 30.38
CA LEU I 84 28.58 0.52 31.49
C LEU I 84 29.48 -0.64 31.08
N PHE I 85 30.61 -0.77 31.78
CA PHE I 85 31.57 -1.83 31.54
C PHE I 85 31.83 -2.56 32.85
N VAL I 86 31.52 -3.85 32.89
CA VAL I 86 31.74 -4.69 34.06
C VAL I 86 32.83 -5.70 33.72
N PRO I 87 34.04 -5.53 34.24
CA PRO I 87 35.11 -6.51 33.97
C PRO I 87 34.71 -7.89 34.44
N SER I 88 34.93 -8.89 33.58
CA SER I 88 34.55 -10.27 33.89
C SER I 88 35.76 -11.09 34.28
N LEU I 89 35.70 -12.40 34.03
CA LEU I 89 36.78 -13.31 34.36
C LEU I 89 37.81 -13.35 33.23
N ASN I 90 39.08 -13.28 33.59
CA ASN I 90 40.16 -13.48 32.64
C ASN I 90 40.30 -14.97 32.36
N VAL I 91 40.22 -15.36 31.09
CA VAL I 91 40.40 -16.76 30.69
C VAL I 91 41.77 -16.90 30.05
N ASP I 92 42.54 -17.89 30.53
CA ASP I 92 43.87 -18.19 30.02
C ASP I 92 44.73 -16.93 29.92
N GLY I 93 44.62 -16.07 30.93
CA GLY I 93 45.43 -14.86 30.97
C GLY I 93 45.11 -13.86 29.89
N GLN I 94 43.88 -13.85 29.38
CA GLN I 94 43.47 -12.90 28.35
C GLN I 94 42.82 -11.70 29.01
N PRO I 95 43.34 -10.49 28.81
CA PRO I 95 42.69 -9.31 29.39
C PRO I 95 41.38 -8.99 28.67
N ILE I 96 40.52 -8.28 29.39
CA ILE I 96 39.23 -7.86 28.85
C ILE I 96 39.40 -6.53 28.13
N PHE I 97 38.78 -6.40 26.97
CA PHE I 97 38.90 -5.19 26.17
C PHE I 97 37.67 -4.30 26.38
N ALA I 98 37.91 -3.04 26.72
CA ALA I 98 36.87 -2.04 26.89
C ALA I 98 37.02 -1.01 25.78
N ASN I 99 36.32 -1.22 24.68
CA ASN I 99 36.45 -0.40 23.48
C ASN I 99 35.59 0.85 23.63
N ILE I 100 36.23 1.98 23.90
CA ILE I 100 35.55 3.27 24.05
C ILE I 100 35.40 3.89 22.67
N THR I 101 34.15 4.06 22.22
CA THR I 101 33.88 4.64 20.91
C THR I 101 32.93 5.82 21.06
N LEU I 102 32.86 6.62 20.01
CA LEU I 102 31.85 7.65 19.92
C LEU I 102 30.49 7.01 19.66
N PRO I 103 29.45 7.44 20.35
CA PRO I 103 28.09 7.02 19.97
C PRO I 103 27.59 7.84 18.80
N VAL I 104 26.47 7.40 18.24
CA VAL I 104 25.81 8.17 17.18
C VAL I 104 24.94 9.22 17.83
N TYR I 105 25.54 10.37 18.16
CA TYR I 105 24.79 11.46 18.76
C TYR I 105 23.66 11.92 17.83
N THR I 106 22.54 12.30 18.41
CA THR I 106 21.52 12.99 17.64
C THR I 106 22.08 14.32 17.14
N LEU I 107 21.59 14.75 15.98
CA LEU I 107 22.07 16.01 15.42
C LEU I 107 21.84 17.17 16.38
N LYS I 108 20.76 17.11 17.18
CA LYS I 108 20.52 18.15 18.16
C LYS I 108 21.59 18.16 19.24
N GLU I 109 21.88 16.99 19.82
CA GLU I 109 22.89 16.93 20.87
C GLU I 109 24.27 17.29 20.34
N ARG I 110 24.60 16.83 19.14
CA ARG I 110 25.86 17.22 18.51
C ARG I 110 25.92 18.73 18.28
N CYS I 111 24.77 19.34 17.98
CA CYS I 111 24.73 20.79 17.84
C CYS I 111 24.91 21.48 19.19
N LEU I 112 24.27 20.95 20.23
CA LEU I 112 24.44 21.52 21.56
C LEU I 112 25.89 21.44 22.00
N GLN I 113 26.58 20.35 21.67
CA GLN I 113 27.99 20.20 22.02
C GLN I 113 28.83 21.30 21.37
N VAL I 114 28.63 21.54 20.07
CA VAL I 114 29.41 22.54 19.37
C VAL I 114 29.12 23.93 19.92
N VAL I 115 27.85 24.23 20.16
CA VAL I 115 27.48 25.55 20.68
C VAL I 115 28.04 25.75 22.09
N ARG I 116 27.94 24.72 22.93
CA ARG I 116 28.52 24.81 24.28
C ARG I 116 30.01 25.09 24.22
N SER I 117 30.70 24.52 23.23
CA SER I 117 32.15 24.69 23.10
C SER I 117 32.53 26.06 22.57
N LEU I 118 31.58 26.85 22.07
CA LEU I 118 31.87 28.15 21.47
C LEU I 118 31.41 29.33 22.30
N VAL I 119 30.32 29.20 23.05
CA VAL I 119 29.78 30.29 23.85
C VAL I 119 30.07 30.01 25.32
N LYS I 120 30.31 31.09 26.06
CA LYS I 120 30.57 30.99 27.48
C LYS I 120 29.26 30.76 28.23
N PRO I 121 29.30 30.03 29.36
CA PRO I 121 28.05 29.76 30.09
C PRO I 121 27.32 31.01 30.54
N GLU I 122 28.04 32.09 30.82
CA GLU I 122 27.39 33.34 31.18
C GLU I 122 26.71 34.00 29.98
N ASN I 123 27.06 33.61 28.76
CA ASN I 123 26.53 34.20 27.55
C ASN I 123 25.54 33.29 26.83
N TYR I 124 24.98 32.31 27.54
CA TYR I 124 23.97 31.44 26.92
C TYR I 124 22.72 32.25 26.55
N ARG I 125 22.34 33.19 27.41
CA ARG I 125 21.12 33.96 27.19
C ARG I 125 21.27 34.98 26.07
N ARG I 126 22.49 35.40 25.76
CA ARG I 126 22.71 36.40 24.72
C ARG I 126 22.54 35.85 23.31
N LEU I 127 22.13 34.59 23.16
CA LEU I 127 21.89 34.01 21.84
C LEU I 127 20.46 34.26 21.42
N ASP I 128 20.25 34.39 20.11
CA ASP I 128 18.93 34.62 19.54
C ASP I 128 18.23 33.29 19.23
N ILE I 129 17.97 32.54 20.30
CA ILE I 129 17.30 31.24 20.20
C ILE I 129 16.15 31.21 21.19
N VAL I 130 15.26 30.23 21.01
CA VAL I 130 14.09 30.11 21.87
C VAL I 130 14.51 29.73 23.29
N ARG I 131 13.60 29.96 24.24
CA ARG I 131 13.87 29.65 25.64
C ARG I 131 13.95 28.16 25.90
N SER I 132 13.33 27.33 25.05
CA SER I 132 13.43 25.89 25.23
C SER I 132 14.85 25.40 24.95
N LEU I 133 15.50 25.96 23.93
CA LEU I 133 16.90 25.63 23.67
C LEU I 133 17.85 26.31 24.63
N TYR I 134 17.40 27.35 25.33
CA TYR I 134 18.20 27.91 26.43
C TYR I 134 18.44 26.87 27.51
N GLU I 135 17.38 26.16 27.91
CA GLU I 135 17.52 25.13 28.94
C GLU I 135 18.33 23.95 28.44
N ASP I 136 18.19 23.62 27.15
CA ASP I 136 18.96 22.50 26.59
C ASP I 136 20.45 22.80 26.63
N LEU I 137 20.84 24.05 26.35
CA LEU I 137 22.24 24.42 26.43
C LEU I 137 22.75 24.38 27.86
N GLU I 138 21.94 24.86 28.81
CA GLU I 138 22.38 24.91 30.21
C GLU I 138 22.42 23.53 30.84
N ASP I 139 21.61 22.59 30.34
CA ASP I 139 21.57 21.23 30.87
C ASP I 139 22.81 20.47 30.37
N HIS I 140 23.94 20.77 30.99
CA HIS I 140 25.19 20.13 30.61
C HIS I 140 25.12 18.63 30.88
N PRO I 141 25.77 17.82 30.06
CA PRO I 141 25.82 16.38 30.34
C PRO I 141 26.47 16.11 31.69
N ASN I 142 25.76 15.34 32.51
CA ASN I 142 26.17 15.10 33.90
C ASN I 142 26.24 13.61 34.16
N VAL I 143 27.32 13.17 34.81
CA VAL I 143 27.47 11.76 35.15
C VAL I 143 26.42 11.35 36.19
N GLN I 144 26.21 12.19 37.21
CA GLN I 144 25.25 11.85 38.25
C GLN I 144 23.83 11.79 37.70
N LYS I 145 23.50 12.70 36.77
CA LYS I 145 22.18 12.65 36.15
C LYS I 145 21.99 11.39 35.33
N ASP I 146 23.02 10.96 34.61
CA ASP I 146 22.92 9.73 33.82
C ASP I 146 22.72 8.52 34.71
N LEU I 147 23.42 8.46 35.84
CA LEU I 147 23.25 7.35 36.77
C LEU I 147 21.83 7.29 37.30
N GLU I 148 21.21 8.45 37.52
CA GLU I 148 19.82 8.49 37.95
C GLU I 148 18.90 7.95 36.86
N ARG I 149 19.17 8.29 35.59
CA ARG I 149 18.32 7.83 34.50
C ARG I 149 18.46 6.33 34.30
N LEU I 150 19.69 5.82 34.30
CA LEU I 150 19.92 4.39 34.12
C LEU I 150 19.25 3.60 35.24
N THR I 151 19.25 4.13 36.46
CA THR I 151 18.64 3.44 37.58
C THR I 151 17.13 3.32 37.40
N GLN I 152 16.50 4.34 36.83
CA GLN I 152 15.06 4.28 36.57
C GLN I 152 14.74 3.26 35.50
N GLU I 153 15.48 3.29 34.40
CA GLU I 153 15.27 2.34 33.30
C GLU I 153 16.08 1.06 33.52
N MET J 1 18.66 -45.28 -11.21
CA MET J 1 18.83 -43.94 -10.66
C MET J 1 17.75 -42.99 -11.15
N ASP J 2 17.06 -42.34 -10.23
CA ASP J 2 16.00 -41.40 -10.56
C ASP J 2 16.57 -40.00 -10.71
N VAL J 3 16.20 -39.32 -11.78
CA VAL J 3 16.47 -37.89 -11.96
C VAL J 3 15.13 -37.16 -11.91
N PHE J 4 15.14 -35.97 -11.32
CA PHE J 4 13.92 -35.20 -11.07
C PHE J 4 14.01 -33.89 -11.83
N LEU J 5 12.98 -33.61 -12.63
CA LEU J 5 13.08 -32.61 -13.67
C LEU J 5 11.98 -31.56 -13.56
N MET J 6 12.21 -30.46 -14.26
CA MET J 6 11.20 -29.43 -14.53
C MET J 6 11.15 -29.24 -16.03
N ILE J 7 10.08 -29.72 -16.66
CA ILE J 7 9.86 -29.47 -18.08
C ILE J 7 9.10 -28.16 -18.18
N ARG J 8 9.73 -27.14 -18.76
CA ARG J 8 9.20 -25.78 -18.71
C ARG J 8 9.06 -25.21 -20.12
N ARG J 9 7.89 -24.66 -20.42
CA ARG J 9 7.63 -23.94 -21.66
C ARG J 9 6.73 -22.76 -21.36
N HIS J 10 7.17 -21.56 -21.78
CA HIS J 10 6.41 -20.33 -21.54
C HIS J 10 6.07 -20.18 -20.07
N LYS J 11 4.80 -20.36 -19.72
CA LYS J 11 4.35 -20.30 -18.33
C LYS J 11 3.87 -21.65 -17.82
N THR J 12 4.25 -22.73 -18.49
CA THR J 12 3.95 -24.08 -18.04
C THR J 12 5.18 -24.70 -17.41
N THR J 13 4.97 -25.44 -16.32
CA THR J 13 6.06 -26.17 -15.65
C THR J 13 5.54 -27.54 -15.24
N ILE J 14 6.08 -28.58 -15.86
CA ILE J 14 5.71 -29.96 -15.55
C ILE J 14 6.73 -30.51 -14.57
N PHE J 15 6.25 -30.99 -13.43
CA PHE J 15 7.09 -31.66 -12.43
C PHE J 15 6.99 -33.16 -12.65
N THR J 16 8.08 -33.77 -13.08
CA THR J 16 8.10 -35.21 -13.31
C THR J 16 9.49 -35.75 -13.02
N ASP J 17 9.56 -37.07 -12.90
CA ASP J 17 10.83 -37.78 -12.73
C ASP J 17 10.97 -38.82 -13.83
N ALA J 18 12.21 -39.24 -14.06
CA ALA J 18 12.51 -40.27 -15.05
C ALA J 18 13.79 -40.97 -14.63
N LYS J 19 14.10 -42.06 -15.32
CA LYS J 19 15.33 -42.78 -15.05
C LYS J 19 16.50 -42.12 -15.78
N GLU J 20 17.68 -42.22 -15.17
CA GLU J 20 18.88 -41.66 -15.78
C GLU J 20 19.13 -42.28 -17.15
N SER J 21 18.81 -43.56 -17.31
CA SER J 21 19.02 -44.26 -18.57
C SER J 21 17.87 -44.09 -19.55
N SER J 22 16.75 -43.51 -19.12
CA SER J 22 15.66 -43.23 -20.03
C SER J 22 16.09 -42.19 -21.07
N THR J 23 15.37 -42.17 -22.19
CA THR J 23 15.78 -41.39 -23.34
C THR J 23 15.04 -40.05 -23.39
N VAL J 24 15.50 -39.18 -24.29
CA VAL J 24 14.83 -37.91 -24.53
C VAL J 24 13.47 -38.15 -25.17
N PHE J 25 13.39 -39.13 -26.08
CA PHE J 25 12.11 -39.44 -26.70
C PHE J 25 11.09 -39.93 -25.67
N GLU J 26 11.53 -40.79 -24.75
CA GLU J 26 10.62 -41.25 -23.69
C GLU J 26 10.16 -40.09 -22.82
N LEU J 27 11.00 -39.06 -22.66
CA LEU J 27 10.58 -37.84 -21.99
C LEU J 27 9.52 -37.10 -22.81
N LYS J 28 9.68 -37.09 -24.13
CA LYS J 28 8.70 -36.43 -24.98
C LYS J 28 7.33 -37.11 -24.89
N ARG J 29 7.31 -38.42 -24.69
CA ARG J 29 6.04 -39.14 -24.56
C ARG J 29 5.29 -38.71 -23.31
N ILE J 30 6.03 -38.44 -22.22
CA ILE J 30 5.41 -37.94 -21.01
C ILE J 30 4.75 -36.59 -21.26
N VAL J 31 5.44 -35.71 -22.00
CA VAL J 31 4.85 -34.41 -22.34
C VAL J 31 3.61 -34.61 -23.20
N GLU J 32 3.64 -35.59 -24.10
CA GLU J 32 2.49 -35.84 -24.96
C GLU J 32 1.26 -36.20 -24.15
N GLY J 33 1.42 -37.07 -23.15
CA GLY J 33 0.29 -37.47 -22.33
C GLY J 33 -0.28 -36.36 -21.48
N ILE J 34 0.48 -35.29 -21.26
CA ILE J 34 0.06 -34.18 -20.41
C ILE J 34 -0.43 -33.01 -21.24
N LEU J 35 0.36 -32.57 -22.22
CA LEU J 35 0.05 -31.38 -23.00
C LEU J 35 -0.59 -31.69 -24.35
N LYS J 36 -0.79 -32.97 -24.66
CA LYS J 36 -1.53 -33.40 -25.85
C LYS J 36 -0.86 -32.90 -27.14
N ARG J 37 0.42 -33.21 -27.29
CA ARG J 37 1.19 -32.87 -28.48
C ARG J 37 2.17 -34.01 -28.75
N PRO J 38 2.18 -34.57 -29.95
CA PRO J 38 3.03 -35.74 -30.23
C PRO J 38 4.50 -35.40 -30.12
N PRO J 39 5.36 -36.41 -29.89
CA PRO J 39 6.79 -36.14 -29.72
C PRO J 39 7.43 -35.42 -30.91
N ASP J 40 7.02 -35.75 -32.13
CA ASP J 40 7.62 -35.13 -33.31
C ASP J 40 7.27 -33.64 -33.44
N GLU J 41 6.35 -33.14 -32.61
CA GLU J 41 6.03 -31.72 -32.57
C GLU J 41 6.67 -31.01 -31.38
N GLN J 42 7.60 -31.67 -30.69
CA GLN J 42 8.25 -31.12 -29.52
C GLN J 42 9.76 -31.00 -29.74
N ARG J 43 10.35 -29.97 -29.15
CA ARG J 43 11.79 -29.81 -29.07
C ARG J 43 12.16 -29.65 -27.60
N LEU J 44 13.02 -30.54 -27.11
CA LEU J 44 13.50 -30.48 -25.74
C LEU J 44 14.90 -29.89 -25.70
N TYR J 45 15.17 -29.10 -24.67
CA TYR J 45 16.44 -28.39 -24.55
C TYR J 45 17.02 -28.60 -23.16
N LYS J 46 18.36 -28.62 -23.09
CA LYS J 46 19.10 -28.38 -21.86
C LYS J 46 19.81 -27.05 -22.05
N ASP J 47 19.36 -26.02 -21.33
CA ASP J 47 19.77 -24.63 -21.55
C ASP J 47 19.42 -24.29 -23.00
N ASP J 48 20.38 -23.96 -23.86
CA ASP J 48 20.10 -23.65 -25.25
C ASP J 48 20.41 -24.81 -26.20
N GLN J 49 20.83 -25.96 -25.67
CA GLN J 49 21.24 -27.08 -26.49
C GLN J 49 20.06 -28.00 -26.77
N LEU J 50 19.75 -28.19 -28.05
CA LEU J 50 18.71 -29.13 -28.45
C LEU J 50 19.11 -30.56 -28.12
N LEU J 51 18.17 -31.33 -27.59
CA LEU J 51 18.42 -32.70 -27.16
C LEU J 51 17.96 -33.68 -28.24
N ASP J 52 18.80 -34.65 -28.55
CA ASP J 52 18.45 -35.67 -29.53
C ASP J 52 17.61 -36.77 -28.89
N ASP J 53 16.67 -37.31 -29.67
CA ASP J 53 15.74 -38.31 -29.15
C ASP J 53 16.47 -39.53 -28.61
N GLY J 54 17.48 -40.03 -29.33
CA GLY J 54 18.10 -41.28 -28.97
C GLY J 54 18.98 -41.22 -27.74
N LYS J 55 19.42 -40.04 -27.35
CA LYS J 55 20.34 -39.90 -26.23
C LYS J 55 19.60 -40.09 -24.90
N THR J 56 20.33 -40.59 -23.91
CA THR J 56 19.79 -40.78 -22.57
C THR J 56 19.92 -39.49 -21.77
N LEU J 57 19.14 -39.42 -20.70
CA LEU J 57 19.18 -38.24 -19.83
C LEU J 57 20.55 -38.08 -19.18
N GLY J 58 21.17 -39.20 -18.78
CA GLY J 58 22.48 -39.13 -18.17
C GLY J 58 23.54 -38.61 -19.12
N GLU J 59 23.46 -39.00 -20.39
CA GLU J 59 24.37 -38.50 -21.42
C GLU J 59 24.17 -37.00 -21.60
N GLY J 61 23.51 -34.95 -19.29
CA GLY J 61 23.94 -34.23 -18.12
C GLY J 61 22.94 -34.18 -16.98
N PHE J 62 21.88 -34.97 -17.10
CA PHE J 62 20.84 -35.06 -16.06
C PHE J 62 21.18 -36.26 -15.18
N THR J 63 21.91 -35.99 -14.10
CA THR J 63 22.37 -37.03 -13.18
C THR J 63 21.58 -36.95 -11.88
N SER J 64 21.66 -38.04 -11.11
CA SER J 64 20.88 -38.16 -9.88
C SER J 64 21.28 -37.13 -8.83
N GLN J 65 22.48 -36.55 -8.92
CA GLN J 65 22.95 -35.58 -7.95
C GLN J 65 22.91 -34.15 -8.45
N THR J 66 22.45 -33.92 -9.68
CA THR J 66 22.16 -32.59 -10.17
C THR J 66 20.68 -32.35 -10.41
N ALA J 67 19.90 -33.42 -10.58
CA ALA J 67 18.45 -33.33 -10.73
C ALA J 67 17.78 -33.92 -9.50
N ARG J 68 17.91 -33.20 -8.39
CA ARG J 68 17.46 -33.68 -7.09
C ARG J 68 15.96 -33.44 -6.92
N PRO J 69 15.30 -34.21 -6.04
CA PRO J 69 13.87 -33.98 -5.82
C PRO J 69 13.57 -32.60 -5.26
N GLN J 70 14.39 -32.12 -4.34
CA GLN J 70 14.24 -30.80 -3.74
C GLN J 70 14.94 -29.72 -4.54
N ALA J 71 15.50 -30.05 -5.70
CA ALA J 71 16.17 -29.10 -6.58
C ALA J 71 16.23 -29.69 -7.98
N PRO J 72 15.10 -29.76 -8.68
CA PRO J 72 15.06 -30.48 -9.96
C PRO J 72 15.66 -29.69 -11.10
N ALA J 73 16.21 -30.42 -12.06
CA ALA J 73 16.79 -29.82 -13.25
C ALA J 73 15.71 -29.34 -14.20
N THR J 74 16.06 -28.35 -15.03
CA THR J 74 15.13 -27.74 -15.96
C THR J 74 15.35 -28.29 -17.36
N VAL J 75 14.26 -28.68 -18.02
CA VAL J 75 14.27 -29.10 -19.41
C VAL J 75 13.38 -28.15 -20.20
N GLY J 76 13.97 -27.43 -21.14
CA GLY J 76 13.19 -26.53 -21.96
C GLY J 76 12.31 -27.26 -22.95
N LEU J 77 11.17 -26.65 -23.28
CA LEU J 77 10.20 -27.24 -24.18
C LEU J 77 9.79 -26.22 -25.23
N ALA J 78 9.67 -26.67 -26.47
CA ALA J 78 9.28 -25.81 -27.58
C ALA J 78 8.37 -26.61 -28.51
N PHE J 79 7.18 -26.07 -28.76
CA PHE J 79 6.20 -26.74 -29.60
C PHE J 79 6.30 -26.27 -31.05
N ARG J 80 5.70 -27.05 -31.94
CA ARG J 80 5.59 -26.67 -33.34
C ARG J 80 4.30 -25.87 -33.53
N ALA J 81 4.42 -24.73 -34.20
CA ALA J 81 3.27 -23.86 -34.47
C ALA J 81 3.23 -23.57 -35.96
N ASP J 82 2.43 -24.35 -36.69
CA ASP J 82 2.28 -24.23 -38.13
C ASP J 82 3.63 -24.41 -38.84
N ASP J 83 3.96 -25.66 -39.18
CA ASP J 83 5.16 -26.02 -39.92
C ASP J 83 6.44 -25.73 -39.14
N THR J 84 6.72 -24.46 -38.86
CA THR J 84 7.96 -24.09 -38.18
C THR J 84 7.78 -24.10 -36.66
N PHE J 85 8.85 -24.44 -35.97
CA PHE J 85 8.84 -24.50 -34.52
C PHE J 85 8.96 -23.10 -33.92
N GLU J 86 8.28 -22.89 -32.79
CA GLU J 86 8.43 -21.66 -32.05
C GLU J 86 9.77 -21.64 -31.33
N ALA J 87 10.25 -20.43 -31.02
CA ALA J 87 11.50 -20.29 -30.30
C ALA J 87 11.35 -20.76 -28.86
N LEU J 88 12.45 -21.21 -28.28
CA LEU J 88 12.44 -21.64 -26.88
C LEU J 88 12.26 -20.43 -25.97
N ILE J 90 11.03 -19.42 -21.91
CA ILE J 90 10.61 -19.81 -20.57
C ILE J 90 10.41 -18.56 -19.70
N GLU J 91 9.16 -18.30 -19.33
CA GLU J 91 8.86 -17.17 -18.47
C GLU J 91 9.44 -17.41 -17.08
N PRO J 92 10.27 -16.51 -16.55
CA PRO J 92 10.82 -16.73 -15.21
C PRO J 92 9.74 -16.63 -14.15
N PHE J 93 10.01 -17.26 -13.02
CA PHE J 93 9.11 -17.15 -11.88
C PHE J 93 9.13 -15.72 -11.34
N SER J 94 8.16 -15.42 -10.47
CA SER J 94 8.08 -14.09 -9.89
C SER J 94 9.30 -13.80 -9.02
N SER J 95 9.52 -12.52 -8.75
CA SER J 95 10.63 -12.14 -7.89
C SER J 95 10.15 -11.98 -6.46
N PRO J 96 10.84 -12.59 -5.48
CA PRO J 96 10.42 -12.44 -4.10
C PRO J 96 10.65 -11.01 -3.63
N PRO J 97 9.89 -10.55 -2.63
CA PRO J 97 10.09 -9.19 -2.12
C PRO J 97 11.45 -9.05 -1.46
N GLU J 98 11.82 -7.80 -1.20
CA GLU J 98 13.05 -7.54 -0.47
C GLU J 98 12.97 -8.14 0.93
N LEU J 99 14.12 -8.56 1.44
CA LEU J 99 14.16 -9.13 2.78
C LEU J 99 13.71 -8.10 3.79
N PRO J 100 12.80 -8.44 4.71
CA PRO J 100 12.44 -7.51 5.78
C PRO J 100 13.66 -7.13 6.61
N ASP J 101 13.52 -6.03 7.35
CA ASP J 101 14.64 -5.54 8.13
C ASP J 101 15.05 -6.53 9.21
N VAL J 102 14.07 -7.23 9.79
CA VAL J 102 14.32 -8.16 10.89
C VAL J 102 14.90 -9.46 10.35
N MET J 103 15.01 -9.56 9.02
CA MET J 103 15.62 -10.72 8.41
C MET J 103 16.87 -10.31 7.63
N MET K 1 -0.61 -42.34 -15.80
CA MET K 1 -0.31 -41.48 -14.67
C MET K 1 -1.15 -40.21 -14.72
N MET K 2 -1.93 -39.96 -13.67
CA MET K 2 -2.78 -38.78 -13.59
C MET K 2 -2.00 -37.60 -13.05
N TYR K 3 -2.36 -36.40 -13.53
CA TYR K 3 -1.72 -35.16 -13.15
C TYR K 3 -2.78 -34.14 -12.76
N VAL K 4 -2.34 -33.07 -12.11
CA VAL K 4 -3.20 -31.95 -11.73
C VAL K 4 -2.47 -30.65 -12.03
N LYS K 5 -3.23 -29.56 -12.07
CA LYS K 5 -2.70 -28.25 -12.40
C LYS K 5 -2.88 -27.33 -11.21
N LEU K 6 -1.78 -26.78 -10.71
CA LEU K 6 -1.80 -25.76 -9.66
C LEU K 6 -1.32 -24.45 -10.27
N ILE K 7 -2.18 -23.44 -10.26
CA ILE K 7 -1.92 -22.17 -10.92
C ILE K 7 -1.60 -21.11 -9.87
N SER K 8 -0.48 -20.43 -10.07
CA SER K 8 -0.03 -19.42 -9.12
C SER K 8 -0.75 -18.10 -9.35
N SER K 9 -0.53 -17.16 -8.43
CA SER K 9 -1.20 -15.86 -8.52
C SER K 9 -0.81 -15.12 -9.79
N ASP K 10 0.45 -15.22 -10.20
CA ASP K 10 0.91 -14.58 -11.43
C ASP K 10 0.68 -15.43 -12.66
N GLY K 11 -0.14 -16.47 -12.57
CA GLY K 11 -0.58 -17.21 -13.74
C GLY K 11 0.29 -18.38 -14.16
N HIS K 12 1.40 -18.62 -13.47
CA HIS K 12 2.22 -19.78 -13.80
C HIS K 12 1.45 -21.06 -13.52
N GLU K 13 1.54 -22.00 -14.46
CA GLU K 13 0.79 -23.25 -14.38
C GLU K 13 1.76 -24.38 -14.08
N PHE K 14 1.60 -24.99 -12.90
CA PHE K 14 2.45 -26.09 -12.44
C PHE K 14 1.65 -27.38 -12.54
N ILE K 15 2.18 -28.35 -13.28
CA ILE K 15 1.53 -29.63 -13.49
C ILE K 15 2.34 -30.68 -12.74
N VAL K 16 1.72 -31.26 -11.71
CA VAL K 16 2.38 -32.24 -10.85
C VAL K 16 1.55 -33.52 -10.86
N LYS K 17 2.18 -34.61 -10.44
CA LYS K 17 1.46 -35.87 -10.32
C LYS K 17 0.36 -35.75 -9.27
N ARG K 18 -0.76 -36.42 -9.52
CA ARG K 18 -1.87 -36.37 -8.57
C ARG K 18 -1.46 -36.88 -7.20
N GLU K 19 -0.70 -37.97 -7.16
CA GLU K 19 -0.26 -38.54 -5.88
C GLU K 19 0.57 -37.54 -5.09
N HIS K 20 1.38 -36.73 -5.77
CA HIS K 20 2.21 -35.76 -5.07
C HIS K 20 1.37 -34.59 -4.55
N ALA K 21 0.31 -34.23 -5.25
CA ALA K 21 -0.54 -33.14 -4.78
C ALA K 21 -1.40 -33.57 -3.60
N LEU K 22 -1.70 -34.87 -3.50
CA LEU K 22 -2.45 -35.37 -2.35
C LEU K 22 -1.66 -35.31 -1.06
N THR K 23 -0.36 -35.01 -1.12
CA THR K 23 0.41 -34.75 0.09
C THR K 23 -0.21 -33.62 0.90
N SER K 24 -0.70 -32.59 0.22
CA SER K 24 -1.38 -31.48 0.89
C SER K 24 -2.83 -31.87 1.15
N GLY K 25 -3.22 -31.87 2.43
CA GLY K 25 -4.59 -32.19 2.77
C GLY K 25 -5.59 -31.18 2.22
N THR K 26 -5.17 -29.91 2.13
CA THR K 26 -6.03 -28.89 1.54
C THR K 26 -6.29 -29.19 0.06
N ILE K 27 -5.25 -29.55 -0.68
CA ILE K 27 -5.43 -29.88 -2.10
C ILE K 27 -6.25 -31.16 -2.24
N LYS K 28 -6.14 -32.09 -1.28
CA LYS K 28 -6.92 -33.32 -1.35
C LYS K 28 -8.41 -33.05 -1.28
N ALA K 29 -8.82 -32.00 -0.56
CA ALA K 29 -10.22 -31.61 -0.51
C ALA K 29 -10.62 -30.69 -1.65
N MET K 30 -9.68 -29.90 -2.18
CA MET K 30 -9.95 -29.01 -3.29
C MET K 30 -10.31 -29.81 -4.54
N GLU K 44 -7.64 -28.95 -11.76
CA GLU K 44 -7.14 -27.58 -11.73
C GLU K 44 -7.49 -26.87 -10.42
N VAL K 45 -6.48 -26.27 -9.79
CA VAL K 45 -6.66 -25.48 -8.56
C VAL K 45 -5.97 -24.14 -8.75
N ASN K 46 -6.66 -23.06 -8.41
CA ASN K 46 -6.15 -21.69 -8.54
C ASN K 46 -5.79 -21.16 -7.16
N PHE K 47 -4.61 -20.56 -7.04
CA PHE K 47 -4.13 -19.98 -5.79
C PHE K 47 -3.86 -18.51 -6.02
N ARG K 48 -4.81 -17.66 -5.61
CA ARG K 48 -4.75 -16.23 -5.88
C ARG K 48 -3.77 -15.48 -5.00
N GLU K 49 -3.25 -16.10 -3.93
CA GLU K 49 -2.31 -15.43 -3.05
C GLU K 49 -1.00 -16.21 -2.90
N ILE K 50 -0.70 -17.12 -3.82
CA ILE K 50 0.55 -17.85 -3.84
C ILE K 50 1.26 -17.54 -5.14
N PRO K 51 2.30 -16.70 -5.12
CA PRO K 51 3.03 -16.40 -6.35
C PRO K 51 3.85 -17.59 -6.82
N SER K 52 4.38 -17.47 -8.04
CA SER K 52 5.05 -18.61 -8.67
C SER K 52 6.36 -18.95 -7.96
N HIS K 53 7.09 -17.94 -7.49
CA HIS K 53 8.34 -18.20 -6.78
C HIS K 53 8.13 -18.91 -5.45
N VAL K 54 6.89 -18.98 -4.97
CA VAL K 54 6.55 -19.73 -3.77
C VAL K 54 5.95 -21.08 -4.13
N LEU K 55 5.01 -21.10 -5.08
CA LEU K 55 4.36 -22.35 -5.44
C LEU K 55 5.34 -23.33 -6.08
N SER K 56 6.38 -22.83 -6.75
CA SER K 56 7.36 -23.73 -7.34
C SER K 56 8.10 -24.52 -6.26
N LYS K 57 8.38 -23.89 -5.12
CA LYS K 57 9.01 -24.60 -4.02
C LYS K 57 8.05 -25.57 -3.36
N VAL K 58 6.76 -25.23 -3.34
CA VAL K 58 5.75 -26.16 -2.82
C VAL K 58 5.79 -27.46 -3.60
N CYS K 59 5.86 -27.36 -4.94
CA CYS K 59 5.93 -28.56 -5.76
C CYS K 59 7.25 -29.29 -5.56
N MET K 60 8.34 -28.55 -5.35
CA MET K 60 9.61 -29.18 -5.04
C MET K 60 9.55 -29.94 -3.72
N TYR K 61 8.73 -29.46 -2.77
CA TYR K 61 8.55 -30.19 -1.52
C TYR K 61 7.71 -31.45 -1.72
N PHE K 62 6.72 -31.39 -2.62
CA PHE K 62 5.91 -32.57 -2.88
C PHE K 62 6.77 -33.72 -3.37
N THR K 63 7.65 -33.45 -4.35
CA THR K 63 8.59 -34.46 -4.80
C THR K 63 9.48 -34.93 -3.67
N TYR K 64 9.96 -33.98 -2.85
CA TYR K 64 10.85 -34.31 -1.73
C TYR K 64 10.15 -35.22 -0.72
N LYS K 65 8.91 -34.91 -0.37
CA LYS K 65 8.20 -35.69 0.65
C LYS K 65 7.90 -37.10 0.16
N VAL K 66 7.44 -37.23 -1.08
CA VAL K 66 7.13 -38.56 -1.62
C VAL K 66 8.40 -39.38 -1.77
N ARG K 67 9.51 -38.73 -2.12
CA ARG K 67 10.75 -39.46 -2.39
C ARG K 67 11.37 -40.00 -1.11
N TYR K 68 11.29 -39.24 -0.01
CA TYR K 68 12.05 -39.55 1.19
C TYR K 68 11.17 -40.01 2.35
N THR K 69 9.89 -40.28 2.12
CA THR K 69 9.04 -40.85 3.15
C THR K 69 9.32 -42.34 3.27
N ASN K 70 9.54 -42.79 4.51
CA ASN K 70 9.90 -44.18 4.85
C ASN K 70 11.03 -44.73 3.96
N SER K 71 11.90 -43.85 3.47
CA SER K 71 13.00 -44.27 2.62
C SER K 71 14.23 -44.65 3.45
N THR K 73 17.45 -44.33 2.29
CA THR K 73 18.62 -43.50 2.02
C THR K 73 18.65 -42.30 2.96
N GLU K 74 19.85 -41.73 3.13
CA GLU K 74 20.02 -40.58 4.01
C GLU K 74 19.24 -39.38 3.48
N ILE K 75 18.32 -38.86 4.28
CA ILE K 75 17.46 -37.76 3.87
C ILE K 75 18.26 -36.46 3.87
N PRO K 76 18.32 -35.75 2.75
CA PRO K 76 19.00 -34.44 2.74
C PRO K 76 18.06 -33.33 3.20
N GLU K 77 18.66 -32.18 3.50
CA GLU K 77 17.90 -31.05 3.97
C GLU K 77 17.09 -30.43 2.84
N PHE K 78 15.89 -29.93 3.17
CA PHE K 78 15.07 -29.22 2.21
C PHE K 78 15.45 -27.74 2.22
N PRO K 79 15.94 -27.18 1.11
CA PRO K 79 16.46 -25.81 1.15
C PRO K 79 15.36 -24.78 0.91
N ILE K 80 15.44 -23.67 1.66
CA ILE K 80 14.52 -22.55 1.53
C ILE K 80 15.34 -21.27 1.58
N ALA K 81 15.39 -20.55 0.47
CA ALA K 81 16.09 -19.27 0.46
C ALA K 81 15.41 -18.30 1.40
N PRO K 82 16.17 -17.46 2.13
CA PRO K 82 15.56 -16.56 3.11
C PRO K 82 14.54 -15.60 2.50
N GLU K 83 14.69 -15.26 1.22
CA GLU K 83 13.81 -14.26 0.60
C GLU K 83 12.39 -14.79 0.40
N ILE K 84 12.18 -16.10 0.50
CA ILE K 84 10.89 -16.71 0.27
C ILE K 84 10.35 -17.44 1.49
N ALA K 85 11.07 -17.42 2.62
CA ALA K 85 10.63 -18.19 3.77
C ALA K 85 9.30 -17.69 4.31
N LEU K 86 9.12 -16.37 4.37
CA LEU K 86 7.90 -15.82 4.97
C LEU K 86 6.66 -16.20 4.17
N GLU K 87 6.72 -16.10 2.85
CA GLU K 87 5.56 -16.46 2.04
C GLU K 87 5.36 -17.96 1.99
N LEU K 88 6.44 -18.73 1.88
CA LEU K 88 6.32 -20.18 1.89
C LEU K 88 5.69 -20.68 3.19
N LEU K 89 5.97 -20.00 4.30
CA LEU K 89 5.37 -20.38 5.58
C LEU K 89 3.86 -20.16 5.55
N MET K 90 3.41 -19.04 4.99
CA MET K 90 1.98 -18.79 4.89
C MET K 90 1.31 -19.77 3.93
N ALA K 91 1.98 -20.08 2.81
CA ALA K 91 1.43 -21.05 1.88
C ALA K 91 1.34 -22.43 2.49
N ALA K 92 2.40 -22.85 3.21
CA ALA K 92 2.38 -24.15 3.87
C ALA K 92 1.31 -24.20 4.95
N ASN K 93 1.10 -23.07 5.66
CA ASN K 93 0.05 -23.02 6.66
C ASN K 93 -1.33 -23.23 6.04
N PHE K 94 -1.56 -22.64 4.87
CA PHE K 94 -2.84 -22.81 4.20
C PHE K 94 -2.98 -24.21 3.60
N LEU K 95 -1.88 -24.75 3.06
CA LEU K 95 -1.94 -26.04 2.37
C LEU K 95 -1.87 -27.22 3.31
N ASP K 96 -1.57 -27.01 4.59
CA ASP K 96 -1.52 -28.06 5.59
C ASP K 96 -0.60 -29.20 5.15
N CYS K 97 0.66 -28.84 4.95
CA CYS K 97 1.67 -29.81 4.53
C CYS K 97 3.06 -29.44 5.05
N LEU L 12 8.52 -42.29 31.27
CA LEU L 12 9.66 -42.32 30.37
C LEU L 12 10.96 -42.08 31.12
N ARG L 13 11.63 -43.16 31.52
CA ARG L 13 12.90 -43.06 32.22
C ARG L 13 13.79 -44.23 31.81
N SER L 14 15.04 -44.18 32.26
CA SER L 14 15.95 -45.28 32.04
C SER L 14 15.78 -46.34 33.13
N VAL L 15 15.96 -47.60 32.74
CA VAL L 15 15.95 -48.72 33.67
C VAL L 15 17.39 -48.92 34.16
N ASN L 16 17.57 -48.86 35.48
CA ASN L 16 18.90 -49.02 36.08
C ASN L 16 19.22 -50.51 36.14
N SER L 17 19.62 -51.05 34.99
CA SER L 17 19.91 -52.47 34.87
C SER L 17 21.38 -52.81 35.11
N ARG L 18 22.28 -51.83 34.98
CA ARG L 18 23.72 -52.03 35.12
C ARG L 18 24.24 -53.09 34.15
N GLU L 19 23.54 -53.32 33.05
CA GLU L 19 23.96 -54.25 32.02
C GLU L 19 24.56 -53.47 30.87
N PRO L 20 25.88 -53.42 30.73
CA PRO L 20 26.48 -52.55 29.70
C PRO L 20 26.04 -52.93 28.30
N SER L 21 25.97 -51.92 27.43
CA SER L 21 25.65 -52.10 26.02
C SER L 21 26.47 -51.12 25.21
N GLN L 22 27.21 -51.63 24.23
CA GLN L 22 28.08 -50.81 23.40
C GLN L 22 27.30 -50.29 22.21
N VAL L 23 27.29 -48.96 22.03
CA VAL L 23 26.46 -48.30 21.05
C VAL L 23 27.35 -47.39 20.19
N ILE L 24 27.02 -47.30 18.90
CA ILE L 24 27.65 -46.35 18.00
C ILE L 24 26.61 -45.27 17.65
N PHE L 25 26.87 -44.04 18.09
CA PHE L 25 26.06 -42.91 17.67
C PHE L 25 26.47 -42.48 16.28
N ASN L 27 25.78 -40.16 13.16
CA ASN L 27 25.09 -38.96 12.71
C ASN L 27 24.97 -38.87 11.19
N ARG L 28 23.92 -39.48 10.65
CA ARG L 28 23.64 -39.42 9.21
C ARG L 28 22.69 -38.28 8.88
N SER L 29 23.04 -37.08 9.35
CA SER L 29 22.24 -35.88 9.18
C SER L 29 23.17 -34.71 8.96
N PRO L 30 22.69 -33.63 8.33
CA PRO L 30 23.51 -32.43 8.15
C PRO L 30 23.53 -31.50 9.35
N ARG L 31 22.93 -31.88 10.47
CA ARG L 31 22.87 -31.04 11.66
C ARG L 31 23.88 -31.49 12.70
N VAL L 32 24.25 -30.54 13.56
CA VAL L 32 25.01 -30.88 14.77
C VAL L 32 24.05 -31.54 15.75
N VAL L 33 24.30 -32.80 16.06
CA VAL L 33 23.37 -33.60 16.85
C VAL L 33 23.75 -33.53 18.33
N LEU L 34 22.75 -33.32 19.17
CA LEU L 34 22.94 -33.34 20.62
C LEU L 34 22.29 -34.59 21.19
N PRO L 35 23.06 -35.58 21.64
CA PRO L 35 22.46 -36.73 22.31
C PRO L 35 21.91 -36.35 23.67
N VAL L 36 20.76 -36.93 24.02
CA VAL L 36 20.05 -36.60 25.25
C VAL L 36 19.68 -37.91 25.93
N TRP L 37 20.25 -38.14 27.11
CA TRP L 37 19.96 -39.33 27.89
C TRP L 37 18.92 -38.99 28.96
N LEU L 38 17.93 -39.86 29.11
CA LEU L 38 16.91 -39.70 30.15
C LEU L 38 17.36 -40.49 31.37
N ASN L 39 17.66 -39.78 32.47
CA ASN L 39 18.15 -40.45 33.66
C ASN L 39 17.01 -41.24 34.30
N PHE L 40 17.29 -41.82 35.47
CA PHE L 40 16.32 -42.69 36.13
C PHE L 40 15.17 -41.92 36.76
N ASP L 41 15.16 -40.60 36.66
CA ASP L 41 14.03 -39.77 37.08
C ASP L 41 13.26 -39.19 35.90
N GLY L 42 13.63 -39.55 34.68
CA GLY L 42 13.04 -38.99 33.49
C GLY L 42 13.63 -37.67 33.04
N GLU L 43 14.57 -37.11 33.79
CA GLU L 43 15.13 -35.80 33.47
C GLU L 43 16.10 -35.92 32.30
N PRO L 44 15.98 -35.06 31.28
CA PRO L 44 16.87 -35.16 30.12
C PRO L 44 18.27 -34.66 30.45
N GLN L 45 19.28 -35.45 30.09
CA GLN L 45 20.67 -35.13 30.36
C GLN L 45 21.44 -34.98 29.06
N PRO L 46 22.11 -33.87 28.82
CA PRO L 46 22.82 -33.68 27.55
C PRO L 46 24.19 -34.33 27.56
N TYR L 47 24.66 -34.66 26.36
CA TYR L 47 25.95 -35.30 26.15
C TYR L 47 26.67 -34.60 25.00
N PRO L 48 27.99 -34.78 24.89
CA PRO L 48 28.75 -34.04 23.87
C PRO L 48 28.16 -34.24 22.47
N THR L 49 28.25 -33.18 21.68
CA THR L 49 27.57 -33.15 20.38
C THR L 49 28.35 -33.94 19.34
N LEU L 50 27.66 -34.24 18.24
CA LEU L 50 28.24 -34.95 17.11
C LEU L 50 28.17 -34.06 15.87
N PRO L 51 29.31 -33.66 15.30
CA PRO L 51 29.27 -32.92 14.03
C PRO L 51 28.61 -33.74 12.95
N PRO L 52 28.09 -33.09 11.91
CA PRO L 52 27.42 -33.84 10.83
C PRO L 52 28.35 -34.86 10.18
N GLY L 53 27.80 -36.03 9.87
CA GLY L 53 28.55 -37.07 9.21
C GLY L 53 29.52 -37.84 10.07
N THR L 54 29.63 -37.52 11.36
CA THR L 54 30.57 -38.18 12.25
C THR L 54 29.87 -39.21 13.11
N GLY L 55 30.67 -40.11 13.69
CA GLY L 55 30.16 -41.12 14.60
C GLY L 55 30.98 -41.15 15.88
N ARG L 56 30.44 -41.84 16.88
CA ARG L 56 31.11 -41.94 18.17
C ARG L 56 30.69 -43.24 18.84
N ARG L 57 31.67 -43.92 19.44
CA ARG L 57 31.42 -45.11 20.24
C ARG L 57 31.14 -44.68 21.68
N ILE L 58 29.97 -45.04 22.19
CA ILE L 58 29.57 -44.68 23.54
C ILE L 58 29.21 -45.93 24.30
N HIS L 59 29.46 -45.90 25.61
CA HIS L 59 29.17 -47.02 26.50
C HIS L 59 27.86 -46.74 27.21
N SER L 60 26.82 -47.50 26.87
CA SER L 60 25.52 -47.32 27.49
C SER L 60 25.10 -48.60 28.21
N TYR L 61 23.81 -48.71 28.52
CA TYR L 61 23.30 -49.84 29.27
C TYR L 61 21.98 -50.27 28.67
N ARG L 62 21.64 -51.54 28.88
CA ARG L 62 20.38 -52.05 28.38
C ARG L 62 19.21 -51.40 29.11
N GLY L 63 18.18 -51.05 28.35
CA GLY L 63 17.01 -50.41 28.92
C GLY L 63 17.10 -48.93 29.12
N HIS L 64 18.22 -48.30 28.78
CA HIS L 64 18.33 -46.85 28.88
C HIS L 64 17.61 -46.19 27.71
N LEU L 65 17.32 -44.91 27.88
CA LEU L 65 16.53 -44.15 26.91
C LEU L 65 17.35 -43.00 26.35
N TRP L 66 17.39 -42.89 25.02
CA TRP L 66 18.10 -41.83 24.33
C TRP L 66 17.19 -41.17 23.31
N LEU L 67 17.39 -39.87 23.12
CA LEU L 67 16.82 -39.14 22.00
C LEU L 67 17.85 -38.11 21.54
N PHE L 68 17.65 -37.61 20.31
CA PHE L 68 18.66 -36.79 19.66
C PHE L 68 18.02 -35.58 19.02
N ARG L 69 18.64 -34.41 19.21
CA ARG L 69 18.12 -33.15 18.74
C ARG L 69 19.22 -32.34 18.05
N ASP L 70 18.79 -31.31 17.32
CA ASP L 70 19.72 -30.29 16.85
C ASP L 70 20.32 -29.58 18.05
N ALA L 71 21.66 -29.51 18.10
CA ALA L 71 22.33 -28.96 19.27
C ALA L 71 22.09 -27.46 19.43
N GLY L 72 21.73 -26.76 18.37
CA GLY L 72 21.53 -25.32 18.44
C GLY L 72 20.07 -24.92 18.52
N THR L 73 19.21 -25.58 17.73
CA THR L 73 17.80 -25.21 17.64
C THR L 73 16.88 -26.20 18.34
N HIS L 74 17.39 -27.34 18.79
CA HIS L 74 16.61 -28.37 19.49
C HIS L 74 15.52 -28.97 18.59
N ASP L 75 15.64 -28.84 17.28
CA ASP L 75 14.73 -29.52 16.36
C ASP L 75 14.79 -31.02 16.61
N GLY L 76 13.62 -31.67 16.53
CA GLY L 76 13.58 -33.10 16.71
C GLY L 76 14.33 -33.83 15.61
N LEU L 77 14.89 -34.98 15.97
CA LEU L 77 15.60 -35.81 15.01
C LEU L 77 15.22 -37.26 15.23
N LEU L 78 15.34 -38.06 14.18
CA LEU L 78 15.00 -39.47 14.22
C LEU L 78 16.24 -40.30 14.50
N VAL L 79 16.05 -41.39 15.23
CA VAL L 79 17.12 -42.36 15.50
C VAL L 79 16.57 -43.74 15.19
N ASN L 80 17.17 -44.40 14.19
CA ASN L 80 16.68 -45.69 13.71
C ASN L 80 15.20 -45.61 13.33
N GLN L 81 14.85 -44.53 12.62
CA GLN L 81 13.51 -44.29 12.08
C GLN L 81 12.45 -44.08 13.15
N THR L 82 12.84 -43.83 14.40
CA THR L 82 11.87 -43.63 15.47
C THR L 82 12.39 -42.55 16.42
N GLU L 83 11.61 -42.28 17.47
CA GLU L 83 11.84 -41.18 18.38
C GLU L 83 12.86 -41.51 19.47
N LEU L 84 12.70 -42.64 20.14
CA LEU L 84 13.57 -43.03 21.24
C LEU L 84 14.46 -44.20 20.82
N PHE L 85 15.67 -44.23 21.38
CA PHE L 85 16.62 -45.30 21.14
C PHE L 85 16.91 -45.99 22.47
N VAL L 86 16.74 -47.31 22.50
CA VAL L 86 16.95 -48.09 23.72
C VAL L 86 18.04 -49.13 23.45
N PRO L 87 19.21 -48.99 24.07
CA PRO L 87 20.29 -49.96 23.84
C PRO L 87 19.87 -51.36 24.27
N SER L 88 20.17 -52.34 23.42
CA SER L 88 19.85 -53.74 23.65
C SER L 88 21.14 -54.52 23.94
N LEU L 89 21.01 -55.84 24.00
CA LEU L 89 22.15 -56.70 24.31
C LEU L 89 23.01 -56.90 23.07
N ASN L 90 24.33 -56.73 23.23
CA ASN L 90 25.25 -56.92 22.12
C ASN L 90 25.40 -58.40 21.80
N VAL L 91 25.41 -58.72 20.51
CA VAL L 91 25.51 -60.11 20.07
C VAL L 91 26.74 -60.32 19.19
N GLN L 94 29.27 -57.27 18.63
CA GLN L 94 28.70 -56.29 17.71
C GLN L 94 28.03 -55.15 18.45
N PRO L 95 28.47 -53.92 18.20
CA PRO L 95 27.81 -52.76 18.80
C PRO L 95 26.47 -52.46 18.13
N ILE L 96 25.61 -51.80 18.89
CA ILE L 96 24.29 -51.41 18.39
C ILE L 96 24.41 -50.05 17.74
N PHE L 97 23.92 -49.93 16.51
CA PHE L 97 23.99 -48.68 15.77
C PHE L 97 22.75 -47.84 16.02
N ALA L 98 22.97 -46.58 16.39
CA ALA L 98 21.91 -45.59 16.56
C ALA L 98 22.05 -44.60 15.40
N ASN L 99 21.36 -44.89 14.30
CA ASN L 99 21.45 -44.06 13.09
C ASN L 99 20.55 -42.84 13.26
N ILE L 100 21.17 -41.68 13.44
CA ILE L 100 20.45 -40.42 13.58
C ILE L 100 20.31 -39.80 12.19
N THR L 101 19.07 -39.53 11.79
CA THR L 101 18.79 -38.96 10.48
C THR L 101 17.87 -37.75 10.61
N LEU L 102 17.88 -36.92 9.58
CA LEU L 102 16.89 -35.87 9.47
C LEU L 102 15.53 -36.49 9.21
N PRO L 103 14.48 -36.06 9.89
CA PRO L 103 13.13 -36.50 9.54
C PRO L 103 12.64 -35.73 8.32
N VAL L 104 11.56 -36.25 7.73
CA VAL L 104 10.86 -35.50 6.70
C VAL L 104 9.93 -34.51 7.39
N TYR L 105 10.45 -33.33 7.70
CA TYR L 105 9.64 -32.30 8.32
C TYR L 105 8.47 -31.92 7.41
N THR L 106 7.42 -31.37 8.02
CA THR L 106 6.41 -30.69 7.23
C THR L 106 7.00 -29.41 6.66
N LEU L 107 6.46 -28.97 5.51
CA LEU L 107 6.91 -27.73 4.92
C LEU L 107 6.73 -26.56 5.89
N LYS L 108 5.63 -26.55 6.64
CA LYS L 108 5.40 -25.50 7.62
C LYS L 108 6.49 -25.50 8.69
N GLU L 109 6.74 -26.67 9.29
CA GLU L 109 7.77 -26.76 10.32
C GLU L 109 9.14 -26.40 9.76
N ARG L 110 9.44 -26.84 8.54
CA ARG L 110 10.70 -26.46 7.90
C ARG L 110 10.76 -24.96 7.69
N CYS L 111 9.66 -24.35 7.26
CA CYS L 111 9.61 -22.90 7.13
C CYS L 111 9.83 -22.21 8.48
N LEU L 112 9.16 -22.71 9.52
CA LEU L 112 9.34 -22.14 10.85
C LEU L 112 10.80 -22.23 11.29
N GLN L 113 11.46 -23.35 10.99
CA GLN L 113 12.87 -23.49 11.32
C GLN L 113 13.70 -22.40 10.64
N VAL L 114 13.53 -22.24 9.33
CA VAL L 114 14.31 -21.26 8.59
C VAL L 114 14.05 -19.85 9.10
N VAL L 115 12.78 -19.52 9.33
CA VAL L 115 12.44 -18.19 9.83
C VAL L 115 13.02 -17.96 11.21
N ARG L 116 12.90 -18.96 12.09
CA ARG L 116 13.48 -18.85 13.43
C ARG L 116 14.98 -18.62 13.37
N SER L 117 15.66 -19.20 12.37
CA SER L 117 17.10 -19.06 12.24
C SER L 117 17.52 -17.70 11.68
N LEU L 118 16.58 -16.89 11.18
CA LEU L 118 16.91 -15.62 10.58
C LEU L 118 16.46 -14.41 11.38
N VAL L 119 15.45 -14.57 12.24
CA VAL L 119 14.87 -13.47 12.99
C VAL L 119 15.16 -13.67 14.48
N LYS L 120 15.60 -12.61 15.14
CA LYS L 120 15.79 -12.65 16.58
C LYS L 120 14.44 -12.88 17.27
N PRO L 121 14.43 -13.58 18.41
CA PRO L 121 13.15 -13.83 19.08
C PRO L 121 12.44 -12.56 19.53
N GLU L 122 13.19 -11.48 19.76
CA GLU L 122 12.55 -10.21 20.09
C GLU L 122 11.86 -9.60 18.88
N ASN L 123 12.34 -9.90 17.68
CA ASN L 123 11.81 -9.33 16.44
C ASN L 123 10.73 -10.20 15.80
N TYR L 124 10.24 -11.22 16.51
CA TYR L 124 9.20 -12.08 15.95
C TYR L 124 7.94 -11.28 15.65
N ARG L 125 7.49 -10.45 16.60
CA ARG L 125 6.24 -9.72 16.46
C ARG L 125 6.29 -8.64 15.39
N ARG L 126 7.46 -8.36 14.82
CA ARG L 126 7.60 -7.37 13.76
C ARG L 126 7.56 -7.98 12.38
N LEU L 127 6.99 -9.19 12.25
CA LEU L 127 6.83 -9.86 10.96
C LEU L 127 5.38 -9.75 10.51
N ASP L 128 5.19 -9.22 9.30
CA ASP L 128 3.84 -9.03 8.78
C ASP L 128 3.17 -10.36 8.47
N ILE L 129 2.78 -11.10 9.52
CA ILE L 129 2.13 -12.40 9.37
C ILE L 129 0.93 -12.47 10.31
N VAL L 130 0.18 -13.56 10.19
CA VAL L 130 -1.00 -13.77 11.02
C VAL L 130 -0.59 -14.05 12.46
N ARG L 131 -1.42 -13.62 13.41
CA ARG L 131 -1.13 -13.82 14.83
C ARG L 131 -0.91 -15.28 15.18
N SER L 132 -1.59 -16.19 14.47
CA SER L 132 -1.41 -17.62 14.73
C SER L 132 0.01 -18.06 14.37
N LEU L 133 0.58 -17.48 13.32
CA LEU L 133 1.94 -17.80 12.95
C LEU L 133 2.95 -17.22 13.94
N TYR L 134 2.57 -16.19 14.70
CA TYR L 134 3.40 -15.73 15.81
C TYR L 134 3.52 -16.82 16.87
N GLU L 135 2.39 -17.43 17.23
CA GLU L 135 2.41 -18.48 18.24
C GLU L 135 3.20 -19.71 17.77
N ASP L 136 3.11 -20.02 16.47
CA ASP L 136 3.88 -21.14 15.94
C ASP L 136 5.37 -20.83 15.92
N LEU L 137 5.75 -19.57 15.73
CA LEU L 137 7.16 -19.21 15.76
C LEU L 137 7.71 -19.24 17.19
N GLU L 138 6.91 -18.78 18.16
CA GLU L 138 7.37 -18.73 19.54
C GLU L 138 7.41 -20.10 20.19
N ASP L 139 6.60 -21.05 19.71
CA ASP L 139 6.61 -22.41 20.23
C ASP L 139 7.86 -23.15 19.77
N HIS L 140 9.00 -22.81 20.34
CA HIS L 140 10.26 -23.43 19.95
C HIS L 140 10.24 -24.93 20.28
N PRO L 141 10.91 -25.75 19.48
CA PRO L 141 11.01 -27.18 19.81
C PRO L 141 11.66 -27.38 21.18
N ASN L 142 11.00 -28.17 22.02
CA ASN L 142 11.35 -28.29 23.42
C ASN L 142 11.35 -29.77 23.81
N VAL L 143 12.46 -30.21 24.42
CA VAL L 143 12.60 -31.61 24.78
C VAL L 143 11.58 -32.00 25.85
N GLN L 144 11.35 -31.11 26.83
CA GLN L 144 10.41 -31.42 27.89
C GLN L 144 8.99 -31.53 27.37
N LYS L 145 8.61 -30.65 26.44
CA LYS L 145 7.27 -30.74 25.86
C LYS L 145 7.12 -32.01 25.02
N ASP L 146 8.18 -32.39 24.29
CA ASP L 146 8.13 -33.63 23.53
C ASP L 146 8.06 -34.84 24.45
N LEU L 147 8.76 -34.79 25.60
CA LEU L 147 8.67 -35.89 26.56
C LEU L 147 7.26 -35.99 27.14
N GLU L 148 6.60 -34.85 27.36
CA GLU L 148 5.23 -34.88 27.84
C GLU L 148 4.29 -35.46 26.79
N ARG L 149 4.47 -35.08 25.53
CA ARG L 149 3.62 -35.61 24.46
C ARG L 149 3.84 -37.11 24.29
N LEU L 150 5.09 -37.57 24.35
CA LEU L 150 5.37 -38.98 24.18
C LEU L 150 4.79 -39.80 25.34
N THR L 151 4.81 -39.24 26.56
CA THR L 151 4.24 -39.95 27.70
C THR L 151 2.73 -40.10 27.55
N GLN L 152 2.05 -39.08 27.04
CA GLN L 152 0.62 -39.16 26.81
C GLN L 152 0.32 -40.08 25.62
#